data_3I98
#
_entry.id   3I98
#
_cell.length_a   106.112
_cell.length_b   95.464
_cell.length_c   113.677
_cell.angle_alpha   90.00
_cell.angle_beta   98.12
_cell.angle_gamma   90.00
#
_symmetry.space_group_name_H-M   'C 1 2 1'
#
loop_
_entity.id
_entity.type
_entity.pdbx_description
1 polymer Th-IPP
2 non-polymer (4R)-2-METHYLPENTANE-2,4-DIOL
3 non-polymer 'CALCIUM ION'
4 non-polymer (4S)-2-METHYL-2,4-PENTANEDIOL
5 non-polymer 'ACETYL GROUP'
6 water water
#
_entity_poly.entity_id   1
_entity_poly.type   'polypeptide(L)'
_entity_poly.pdbx_seq_one_letter_code
;MNPFHELEPGPEVPEVVYALIEIPKGSRNKYELDKKTGLLKLDRVLYSPFFYPVDYGIIPQTWYDDGDPFDIMVIMREPV
YPLTIIEARPIGIMKMEDSGDKDWKVLAVPVEDPYFNDWKDISDVPKAFLDEIAHFFQRYKELQGKTTKIEGWGNAEEAK
REILRAIEMYKEKFGKEE
;
_entity_poly.pdbx_strand_id   A,B,C,D,E,F
#
loop_
_chem_comp.id
_chem_comp.type
_chem_comp.name
_chem_comp.formula
ACE non-polymer 'ACETYL GROUP' 'C2 H4 O'
CA non-polymer 'CALCIUM ION' 'Ca 2'
MPD non-polymer (4S)-2-METHYL-2,4-PENTANEDIOL 'C6 H14 O2'
MRD non-polymer (4R)-2-METHYLPENTANE-2,4-DIOL 'C6 H14 O2'
#
# COMPACT_ATOMS: atom_id res chain seq x y z
N MET A 1 25.59 -24.46 9.80
N MET A 1 24.96 -24.67 11.24
N MET A 1 26.06 -24.13 10.99
CA MET A 1 24.48 -24.23 10.72
CA MET A 1 24.87 -24.14 9.89
CA MET A 1 24.68 -24.16 10.50
C MET A 1 23.95 -22.81 10.57
C MET A 1 24.29 -22.73 9.87
C MET A 1 24.09 -22.76 10.40
N ASN A 2 22.99 -22.64 9.67
CA ASN A 2 22.31 -21.36 9.54
C ASN A 2 21.26 -21.29 10.65
N PRO A 3 21.49 -20.42 11.64
CA PRO A 3 20.62 -20.32 12.81
C PRO A 3 19.18 -19.99 12.40
N PHE A 4 19.01 -19.32 11.27
CA PHE A 4 17.68 -18.95 10.81
C PHE A 4 16.81 -20.18 10.53
N HIS A 5 17.44 -21.23 9.99
CA HIS A 5 16.75 -22.50 9.70
C HIS A 5 16.77 -23.51 10.85
N GLU A 6 17.77 -23.47 11.72
N GLU A 6 17.76 -23.42 11.72
CA GLU A 6 17.90 -24.51 12.75
CA GLU A 6 17.98 -24.44 12.75
C GLU A 6 17.08 -24.24 14.02
C GLU A 6 17.14 -24.24 14.02
N LEU A 7 16.93 -22.97 14.39
CA LEU A 7 16.20 -22.64 15.61
C LEU A 7 14.71 -22.61 15.39
N GLU A 8 13.95 -23.06 16.39
N GLU A 8 13.98 -23.04 16.42
N GLU A 8 13.95 -23.07 16.38
CA GLU A 8 12.50 -22.92 16.34
CA GLU A 8 12.53 -22.88 16.48
CA GLU A 8 12.50 -22.93 16.32
C GLU A 8 12.12 -21.46 16.59
C GLU A 8 12.15 -21.39 16.53
C GLU A 8 12.12 -21.46 16.58
N PRO A 9 10.92 -21.06 16.13
CA PRO A 9 10.48 -19.66 16.26
C PRO A 9 10.42 -19.16 17.71
N GLY A 10 10.26 -20.06 18.67
CA GLY A 10 10.14 -19.63 20.05
C GLY A 10 9.74 -20.77 20.96
N PRO A 11 9.91 -20.58 22.28
CA PRO A 11 9.56 -21.67 23.22
C PRO A 11 8.08 -21.73 23.55
N GLU A 12 7.32 -20.66 23.26
CA GLU A 12 5.89 -20.60 23.58
C GLU A 12 5.20 -19.61 22.65
N VAL A 13 5.28 -19.88 21.35
N VAL A 13 5.27 -19.91 21.35
CA VAL A 13 4.75 -18.94 20.36
CA VAL A 13 4.69 -19.08 20.31
C VAL A 13 3.23 -18.91 20.41
C VAL A 13 3.18 -18.94 20.44
N PRO A 14 2.64 -17.72 20.23
CA PRO A 14 3.34 -16.45 19.95
C PRO A 14 3.54 -15.55 21.17
N GLU A 15 3.32 -16.08 22.36
CA GLU A 15 3.48 -15.31 23.59
C GLU A 15 4.95 -15.02 23.89
N VAL A 16 5.79 -16.01 23.67
CA VAL A 16 7.24 -15.85 23.81
C VAL A 16 7.92 -16.38 22.55
N VAL A 17 8.68 -15.53 21.88
CA VAL A 17 9.37 -15.95 20.68
C VAL A 17 10.87 -15.78 20.87
N TYR A 18 11.66 -16.41 20.01
CA TYR A 18 13.09 -16.11 19.97
C TYR A 18 13.36 -14.94 19.03
N ALA A 19 14.14 -13.98 19.51
CA ALA A 19 14.70 -12.96 18.63
C ALA A 19 16.17 -13.29 18.42
N LEU A 20 16.55 -13.49 17.17
CA LEU A 20 17.96 -13.69 16.83
C LEU A 20 18.54 -12.34 16.40
N ILE A 21 19.34 -11.73 17.26
CA ILE A 21 19.78 -10.36 17.04
C ILE A 21 20.89 -10.27 15.97
N GLU A 22 20.69 -9.35 15.03
CA GLU A 22 21.70 -9.05 14.01
C GLU A 22 22.40 -7.71 14.28
N ILE A 23 21.66 -6.74 14.80
CA ILE A 23 22.22 -5.40 15.00
C ILE A 23 21.93 -4.89 16.40
N PRO A 24 22.98 -4.67 17.20
CA PRO A 24 22.78 -4.13 18.55
C PRO A 24 22.40 -2.66 18.54
N LYS A 25 21.59 -2.25 19.51
N LYS A 25 21.59 -2.25 19.50
CA LYS A 25 21.29 -0.82 19.69
CA LYS A 25 21.31 -0.82 19.68
C LYS A 25 22.59 -0.01 19.70
C LYS A 25 22.60 -0.03 19.66
N GLY A 26 22.60 1.10 18.97
CA GLY A 26 23.76 1.97 18.95
C GLY A 26 24.64 1.82 17.72
N SER A 27 24.37 0.79 16.91
N SER A 27 24.35 0.81 16.90
CA SER A 27 25.19 0.54 15.71
CA SER A 27 25.13 0.54 15.70
C SER A 27 24.78 1.43 14.54
C SER A 27 24.76 1.47 14.56
N ARG A 28 25.76 1.99 13.84
CA ARG A 28 25.52 2.67 12.57
C ARG A 28 25.75 1.66 11.43
N ASN A 29 26.50 0.60 11.71
CA ASN A 29 26.66 -0.51 10.76
C ASN A 29 25.39 -1.36 10.71
N LYS A 30 24.92 -1.64 9.51
CA LYS A 30 23.75 -2.48 9.31
C LYS A 30 24.22 -3.86 8.89
N TYR A 31 23.98 -4.83 9.76
CA TYR A 31 24.42 -6.21 9.52
C TYR A 31 23.24 -7.07 9.10
N GLU A 32 23.52 -8.13 8.35
N GLU A 32 23.53 -8.13 8.37
CA GLU A 32 22.53 -9.15 8.08
CA GLU A 32 22.53 -9.11 7.97
C GLU A 32 23.16 -10.52 8.33
C GLU A 32 23.19 -10.48 7.99
N LEU A 33 22.40 -11.56 8.04
N LEU A 33 22.40 -11.52 8.21
CA LEU A 33 22.89 -12.92 8.13
CA LEU A 33 22.90 -12.89 8.11
C LEU A 33 23.13 -13.45 6.72
C LEU A 33 23.19 -13.24 6.66
N ASP A 34 24.38 -13.77 6.39
CA ASP A 34 24.67 -14.31 5.07
C ASP A 34 23.87 -15.60 4.95
N LYS A 35 22.92 -15.66 4.02
CA LYS A 35 22.02 -16.81 3.99
C LYS A 35 22.60 -18.07 3.37
N LYS A 36 23.89 -18.02 3.06
CA LYS A 36 24.61 -19.19 2.59
C LYS A 36 25.31 -19.88 3.75
N THR A 37 26.04 -19.10 4.54
CA THR A 37 26.87 -19.63 5.61
C THR A 37 26.29 -19.36 7.00
N GLY A 38 25.45 -18.34 7.10
CA GLY A 38 24.87 -17.96 8.37
C GLY A 38 25.81 -17.11 9.21
N LEU A 39 26.90 -16.64 8.59
CA LEU A 39 27.79 -15.70 9.27
C LEU A 39 27.20 -14.30 9.20
N LEU A 40 27.60 -13.45 10.14
CA LEU A 40 27.21 -12.04 10.09
C LEU A 40 27.88 -11.38 8.91
N LYS A 41 27.13 -10.54 8.21
N LYS A 41 27.15 -10.54 8.19
CA LYS A 41 27.63 -9.81 7.05
CA LYS A 41 27.70 -9.82 7.06
C LYS A 41 27.30 -8.33 7.16
C LYS A 41 27.29 -8.36 7.08
N LEU A 42 28.23 -7.47 6.75
CA LEU A 42 27.93 -6.05 6.66
C LEU A 42 27.12 -5.79 5.40
N ASP A 43 25.89 -5.31 5.58
N ASP A 43 25.88 -5.34 5.58
CA ASP A 43 25.00 -5.00 4.46
CA ASP A 43 25.00 -4.98 4.47
C ASP A 43 25.31 -3.57 3.97
C ASP A 43 25.45 -3.62 3.95
N ARG A 44 25.40 -2.63 4.89
N ARG A 44 25.40 -2.62 4.82
CA ARG A 44 25.83 -1.28 4.55
CA ARG A 44 25.97 -1.31 4.50
C ARG A 44 26.20 -0.49 5.80
C ARG A 44 26.14 -0.45 5.75
N VAL A 45 26.89 0.63 5.59
CA VAL A 45 27.03 1.62 6.64
C VAL A 45 25.93 2.61 6.34
N LEU A 46 25.09 2.93 7.33
CA LEU A 46 24.01 3.90 7.11
C LEU A 46 24.59 5.22 6.61
N TYR A 47 23.93 5.83 5.63
CA TYR A 47 24.45 7.01 4.96
C TYR A 47 24.39 8.24 5.84
N SER A 48 23.61 8.15 6.93
CA SER A 48 23.40 9.27 7.83
C SER A 48 23.87 8.87 9.21
N PRO A 49 24.20 9.86 10.06
CA PRO A 49 24.70 9.56 11.40
C PRO A 49 23.54 9.18 12.32
N PHE A 50 22.84 8.11 11.95
N PHE A 50 22.85 8.10 11.98
CA PHE A 50 21.77 7.53 12.76
CA PHE A 50 21.78 7.61 12.83
C PHE A 50 22.41 6.37 13.51
C PHE A 50 22.24 6.27 13.37
N PHE A 51 21.72 5.89 14.54
CA PHE A 51 22.05 4.58 15.11
C PHE A 51 20.75 3.80 15.35
N TYR A 52 20.81 2.48 15.22
CA TYR A 52 19.65 1.64 15.53
C TYR A 52 19.20 1.87 16.98
N PRO A 53 17.92 2.23 17.16
CA PRO A 53 17.46 2.63 18.51
C PRO A 53 17.04 1.44 19.37
N VAL A 54 17.09 0.25 18.79
CA VAL A 54 16.72 -0.99 19.46
C VAL A 54 17.63 -2.10 18.98
N ASP A 55 17.68 -3.22 19.69
N ASP A 55 17.72 -3.19 19.72
CA ASP A 55 18.40 -4.40 19.21
CA ASP A 55 18.37 -4.38 19.22
C ASP A 55 17.55 -5.14 18.18
C ASP A 55 17.47 -4.87 18.09
N TYR A 56 18.08 -5.25 16.98
CA TYR A 56 17.30 -5.61 15.80
C TYR A 56 17.67 -6.97 15.26
N GLY A 57 16.66 -7.79 14.96
CA GLY A 57 16.96 -9.11 14.42
C GLY A 57 15.75 -9.72 13.73
N ILE A 58 15.71 -11.05 13.73
CA ILE A 58 14.67 -11.78 13.02
C ILE A 58 14.16 -12.89 13.91
N ILE A 59 12.94 -13.34 13.63
CA ILE A 59 12.41 -14.53 14.28
C ILE A 59 12.76 -15.74 13.42
N PRO A 60 13.41 -16.74 14.02
CA PRO A 60 13.81 -17.89 13.20
C PRO A 60 12.59 -18.62 12.65
N GLN A 61 12.77 -19.28 11.51
CA GLN A 61 11.72 -20.08 10.90
C GLN A 61 10.44 -19.29 10.65
N THR A 62 10.62 -18.06 10.18
CA THR A 62 9.49 -17.26 9.72
C THR A 62 9.78 -16.76 8.32
N TRP A 63 8.72 -16.39 7.60
CA TRP A 63 8.87 -15.79 6.30
C TRP A 63 7.75 -14.75 6.18
N TYR A 64 8.03 -13.63 5.53
CA TYR A 64 7.02 -12.58 5.51
C TYR A 64 6.74 -12.12 4.08
N ASP A 65 5.70 -11.31 3.93
CA ASP A 65 5.23 -10.86 2.62
C ASP A 65 6.31 -10.20 1.77
N ASP A 66 7.33 -9.65 2.40
CA ASP A 66 8.39 -8.98 1.65
C ASP A 66 9.53 -9.94 1.23
N GLY A 67 9.31 -11.23 1.41
CA GLY A 67 10.28 -12.23 0.99
C GLY A 67 11.56 -12.28 1.81
N ASP A 68 11.43 -12.09 3.12
CA ASP A 68 12.54 -12.21 4.06
C ASP A 68 11.99 -12.72 5.39
N PRO A 69 12.88 -13.15 6.30
CA PRO A 69 12.36 -13.53 7.62
C PRO A 69 11.70 -12.33 8.29
N PHE A 70 10.82 -12.60 9.24
CA PHE A 70 10.06 -11.56 9.92
C PHE A 70 10.95 -10.79 10.90
N ASP A 71 10.96 -9.47 10.77
N ASP A 71 11.00 -9.46 10.77
CA ASP A 71 11.81 -8.62 11.62
CA ASP A 71 11.86 -8.66 11.63
C ASP A 71 11.26 -8.42 13.03
C ASP A 71 11.28 -8.51 13.03
N ILE A 72 12.17 -8.40 14.00
CA ILE A 72 11.78 -8.15 15.38
C ILE A 72 12.76 -7.15 16.01
N MET A 73 12.21 -6.23 16.80
CA MET A 73 12.95 -5.19 17.50
C MET A 73 12.77 -5.44 18.97
N VAL A 74 13.88 -5.57 19.70
CA VAL A 74 13.80 -5.89 21.13
C VAL A 74 14.35 -4.73 21.92
N ILE A 75 13.61 -4.26 22.90
CA ILE A 75 14.10 -3.16 23.73
C ILE A 75 15.01 -3.71 24.83
N MET A 76 16.32 -3.44 24.72
CA MET A 76 17.28 -3.86 25.74
CA MET A 76 17.28 -3.86 25.74
C MET A 76 17.91 -2.64 26.39
N ARG A 77 18.12 -2.71 27.70
CA ARG A 77 18.79 -1.63 28.40
C ARG A 77 20.28 -1.63 28.07
N GLU A 78 20.88 -2.82 28.08
CA GLU A 78 22.27 -3.02 27.62
C GLU A 78 22.18 -3.87 26.36
N PRO A 79 22.76 -3.38 25.26
CA PRO A 79 22.65 -4.10 23.98
C PRO A 79 23.36 -5.45 24.05
N VAL A 80 22.89 -6.42 23.28
CA VAL A 80 23.56 -7.72 23.23
C VAL A 80 24.54 -7.75 22.06
N TYR A 81 25.19 -8.90 21.85
CA TYR A 81 26.08 -9.09 20.71
C TYR A 81 25.32 -9.66 19.54
N PRO A 82 25.81 -9.44 18.31
CA PRO A 82 25.13 -10.08 17.18
C PRO A 82 25.13 -11.60 17.34
N LEU A 83 24.06 -12.23 16.85
CA LEU A 83 23.83 -13.67 16.89
C LEU A 83 23.43 -14.17 18.28
N THR A 84 23.05 -13.26 19.16
CA THR A 84 22.54 -13.67 20.47
C THR A 84 21.06 -13.94 20.37
N ILE A 85 20.60 -14.99 21.05
CA ILE A 85 19.17 -15.32 21.12
C ILE A 85 18.56 -14.68 22.37
N ILE A 86 17.46 -13.97 22.19
CA ILE A 86 16.73 -13.40 23.32
C ILE A 86 15.30 -13.94 23.32
N GLU A 87 14.84 -14.46 24.46
N GLU A 87 14.85 -14.44 24.48
CA GLU A 87 13.42 -14.81 24.58
CA GLU A 87 13.44 -14.79 24.64
C GLU A 87 12.62 -13.54 24.80
C GLU A 87 12.65 -13.49 24.78
N ALA A 88 11.72 -13.25 23.87
CA ALA A 88 11.04 -11.96 23.82
C ALA A 88 9.51 -12.04 23.81
N ARG A 89 8.87 -11.10 24.51
N ARG A 89 8.87 -11.10 24.52
N ARG A 89 8.86 -11.12 24.51
CA ARG A 89 7.41 -10.97 24.50
CA ARG A 89 7.42 -10.96 24.49
CA ARG A 89 7.40 -11.05 24.46
C ARG A 89 7.01 -9.87 23.52
C ARG A 89 7.03 -9.87 23.50
C ARG A 89 6.94 -9.90 23.58
N PRO A 90 6.22 -10.22 22.49
CA PRO A 90 5.73 -9.23 21.54
C PRO A 90 4.76 -8.31 22.24
N ILE A 91 4.90 -7.01 22.05
CA ILE A 91 3.96 -6.07 22.65
C ILE A 91 3.31 -5.17 21.62
N GLY A 92 3.72 -5.32 20.36
CA GLY A 92 3.17 -4.49 19.32
C GLY A 92 3.84 -4.67 17.99
N ILE A 93 3.43 -3.89 17.00
CA ILE A 93 3.93 -4.05 15.66
C ILE A 93 3.95 -2.72 14.90
N MET A 94 5.06 -2.43 14.24
CA MET A 94 5.17 -1.23 13.45
C MET A 94 4.78 -1.54 12.03
N LYS A 95 3.78 -0.84 11.52
CA LYS A 95 3.32 -1.06 10.15
C LYS A 95 4.01 -0.04 9.24
N MET A 96 4.77 -0.54 8.28
CA MET A 96 5.46 0.36 7.37
C MET A 96 5.66 -0.32 6.03
N GLU A 97 5.80 0.49 5.00
N GLU A 97 5.79 0.49 5.00
CA GLU A 97 6.08 -0.02 3.66
CA GLU A 97 6.09 0.01 3.66
C GLU A 97 7.44 0.51 3.22
C GLU A 97 7.48 0.50 3.27
N ASP A 98 8.24 -0.36 2.62
CA ASP A 98 9.55 0.03 2.10
C ASP A 98 9.60 -0.34 0.62
N SER A 99 9.66 0.67 -0.23
CA SER A 99 9.68 0.47 -1.68
C SER A 99 8.51 -0.41 -2.15
N GLY A 100 7.33 -0.18 -1.57
CA GLY A 100 6.13 -0.88 -1.99
C GLY A 100 5.92 -2.24 -1.35
N ASP A 101 6.88 -2.68 -0.54
CA ASP A 101 6.77 -3.97 0.15
C ASP A 101 6.31 -3.80 1.59
N LYS A 102 5.51 -4.75 2.05
CA LYS A 102 5.03 -4.76 3.42
C LYS A 102 6.18 -5.18 4.34
N ASP A 103 6.74 -4.22 5.06
CA ASP A 103 7.96 -4.45 5.83
C ASP A 103 7.67 -4.22 7.32
N TRP A 104 6.63 -4.88 7.83
CA TRP A 104 6.23 -4.69 9.23
C TRP A 104 7.23 -5.30 10.19
N LYS A 105 7.29 -4.76 11.40
CA LYS A 105 8.30 -5.21 12.36
C LYS A 105 7.70 -5.38 13.74
N VAL A 106 7.94 -6.53 14.35
CA VAL A 106 7.48 -6.77 15.71
C VAL A 106 8.27 -5.94 16.72
N LEU A 107 7.57 -5.36 17.69
CA LEU A 107 8.23 -4.72 18.83
C LEU A 107 8.06 -5.61 20.05
N ALA A 108 9.15 -5.84 20.78
CA ALA A 108 9.13 -6.81 21.87
C ALA A 108 10.03 -6.39 23.02
N VAL A 109 9.80 -6.99 24.18
CA VAL A 109 10.64 -6.75 25.35
C VAL A 109 11.18 -8.10 25.80
N PRO A 110 12.33 -8.09 26.47
CA PRO A 110 12.90 -9.35 26.93
C PRO A 110 12.11 -9.88 28.11
N VAL A 111 11.83 -11.18 28.08
CA VAL A 111 11.18 -11.84 29.20
C VAL A 111 12.02 -11.75 30.48
N GLU A 112 13.35 -11.80 30.34
CA GLU A 112 14.21 -11.95 31.53
C GLU A 112 14.86 -10.64 32.01
N ASP A 113 14.22 -9.52 31.75
CA ASP A 113 14.62 -8.26 32.38
C ASP A 113 13.41 -7.74 33.14
N PRO A 114 13.46 -7.77 34.47
CA PRO A 114 12.28 -7.41 35.28
C PRO A 114 11.84 -5.95 35.08
N TYR A 115 12.73 -5.14 34.53
CA TYR A 115 12.39 -3.76 34.23
C TYR A 115 11.12 -3.65 33.39
N PHE A 116 10.94 -4.58 32.46
CA PHE A 116 9.81 -4.52 31.52
C PHE A 116 8.65 -5.42 31.92
N ASN A 117 8.65 -5.89 33.17
CA ASN A 117 7.63 -6.85 33.60
C ASN A 117 6.21 -6.37 33.34
N ASP A 118 5.98 -5.07 33.48
CA ASP A 118 4.65 -4.51 33.28
C ASP A 118 4.39 -3.95 31.87
N TRP A 119 5.32 -4.15 30.95
CA TRP A 119 5.07 -3.77 29.56
C TRP A 119 4.43 -4.96 28.86
N LYS A 120 3.18 -4.82 28.46
CA LYS A 120 2.44 -5.95 27.88
C LYS A 120 1.77 -5.60 26.57
N ASP A 121 1.65 -4.31 26.29
N ASP A 121 1.65 -4.31 26.28
CA ASP A 121 1.00 -3.86 25.06
CA ASP A 121 1.03 -3.88 25.04
C ASP A 121 1.62 -2.56 24.59
C ASP A 121 1.61 -2.56 24.59
N ILE A 122 1.27 -2.15 23.38
CA ILE A 122 1.86 -0.96 22.77
C ILE A 122 1.61 0.31 23.57
N SER A 123 0.51 0.37 24.31
CA SER A 123 0.19 1.54 25.12
C SER A 123 1.09 1.72 26.35
N ASP A 124 1.89 0.72 26.67
CA ASP A 124 2.80 0.82 27.81
C ASP A 124 4.12 1.52 27.45
N VAL A 125 4.34 1.74 26.16
CA VAL A 125 5.60 2.35 25.70
C VAL A 125 5.47 3.89 25.65
N PRO A 126 6.44 4.60 26.22
CA PRO A 126 6.40 6.07 26.10
C PRO A 126 6.23 6.50 24.65
N LYS A 127 5.32 7.43 24.41
N LYS A 127 5.33 7.45 24.40
CA LYS A 127 5.03 7.93 23.07
CA LYS A 127 5.05 7.85 23.03
C LYS A 127 6.29 8.38 22.34
C LYS A 127 6.28 8.41 22.31
N ALA A 128 7.12 9.15 23.03
CA ALA A 128 8.32 9.71 22.41
C ALA A 128 9.23 8.61 21.88
N PHE A 129 9.23 7.45 22.55
CA PHE A 129 10.07 6.33 22.12
C PHE A 129 9.52 5.70 20.83
N LEU A 130 8.21 5.50 20.76
CA LEU A 130 7.62 5.01 19.50
C LEU A 130 7.91 5.97 18.35
N ASP A 131 7.81 7.28 18.62
CA ASP A 131 8.12 8.29 17.61
C ASP A 131 9.57 8.21 17.15
N GLU A 132 10.50 7.95 18.07
CA GLU A 132 11.91 7.91 17.68
C GLU A 132 12.20 6.71 16.79
N ILE A 133 11.55 5.59 17.06
CA ILE A 133 11.75 4.40 16.24
C ILE A 133 11.18 4.62 14.85
N ALA A 134 9.97 5.15 14.79
CA ALA A 134 9.31 5.40 13.51
C ALA A 134 10.09 6.42 12.68
N HIS A 135 10.63 7.44 13.33
CA HIS A 135 11.39 8.48 12.62
C HIS A 135 12.67 7.90 12.03
N PHE A 136 13.34 7.04 12.79
CA PHE A 136 14.52 6.34 12.29
C PHE A 136 14.21 5.61 10.98
N PHE A 137 13.15 4.82 10.99
CA PHE A 137 12.78 4.06 9.80
C PHE A 137 12.23 4.94 8.67
N GLN A 138 11.65 6.07 9.04
CA GLN A 138 11.18 7.02 8.03
C GLN A 138 12.34 7.62 7.25
N ARG A 139 13.46 7.85 7.93
CA ARG A 139 14.54 8.66 7.35
C ARG A 139 15.87 7.97 7.09
N TYR A 140 16.06 6.75 7.57
CA TYR A 140 17.41 6.18 7.57
C TYR A 140 17.97 5.85 6.19
N LYS A 141 17.08 5.71 5.21
CA LYS A 141 17.47 5.47 3.82
C LYS A 141 17.24 6.68 2.92
N GLU A 142 16.99 7.84 3.50
CA GLU A 142 16.67 9.02 2.69
C GLU A 142 17.77 9.40 1.69
N LEU A 143 19.04 9.29 2.11
CA LEU A 143 20.15 9.69 1.24
C LEU A 143 20.43 8.62 0.19
N GLN A 144 19.81 7.47 0.35
CA GLN A 144 19.89 6.44 -0.68
C GLN A 144 18.74 6.58 -1.68
N GLY A 145 17.90 7.59 -1.46
CA GLY A 145 16.82 7.86 -2.38
C GLY A 145 15.66 6.89 -2.28
N LYS A 146 15.68 6.05 -1.26
CA LYS A 146 14.58 5.14 -1.04
C LYS A 146 13.50 5.88 -0.27
N THR A 147 12.26 5.45 -0.44
CA THR A 147 11.16 6.02 0.32
C THR A 147 10.54 4.94 1.17
N THR A 148 10.29 5.25 2.43
CA THR A 148 9.53 4.35 3.29
C THR A 148 8.30 5.10 3.75
N LYS A 149 7.27 4.37 4.13
CA LYS A 149 6.05 5.00 4.59
C LYS A 149 5.64 4.36 5.91
N ILE A 150 5.53 5.17 6.95
CA ILE A 150 5.15 4.69 8.27
C ILE A 150 3.63 4.78 8.38
N GLU A 151 2.96 3.64 8.52
N GLU A 151 2.98 3.64 8.60
CA GLU A 151 1.50 3.68 8.64
CA GLU A 151 1.51 3.61 8.61
C GLU A 151 1.10 4.01 10.06
C GLU A 151 0.91 3.60 10.01
N GLY A 152 1.74 3.35 11.02
CA GLY A 152 1.30 3.43 12.40
C GLY A 152 1.70 2.20 13.20
N TRP A 153 1.10 2.05 14.37
CA TRP A 153 1.43 0.93 15.26
C TRP A 153 0.21 0.07 15.56
N GLY A 154 0.38 -1.25 15.52
CA GLY A 154 -0.66 -2.18 15.97
C GLY A 154 -0.37 -2.69 17.37
N ASN A 155 -1.38 -3.27 18.03
CA ASN A 155 -1.20 -3.76 19.39
C ASN A 155 -0.63 -5.18 19.47
N ALA A 156 -0.53 -5.70 20.69
CA ALA A 156 0.11 -6.99 20.92
C ALA A 156 -0.67 -8.10 20.24
N GLU A 157 -1.99 -7.98 20.25
CA GLU A 157 -2.85 -8.99 19.65
C GLU A 157 -2.55 -9.09 18.16
N GLU A 158 -2.40 -7.94 17.51
CA GLU A 158 -2.14 -7.92 16.08
C GLU A 158 -0.76 -8.48 15.78
N ALA A 159 0.22 -8.15 16.63
CA ALA A 159 1.59 -8.63 16.44
C ALA A 159 1.63 -10.15 16.49
N LYS A 160 0.90 -10.72 17.45
CA LYS A 160 0.92 -12.15 17.65
C LYS A 160 0.27 -12.90 16.47
N ARG A 161 -0.84 -12.36 15.97
N ARG A 161 -0.83 -12.34 15.96
CA ARG A 161 -1.48 -12.90 14.78
CA ARG A 161 -1.49 -12.87 14.78
C ARG A 161 -0.51 -12.91 13.58
C ARG A 161 -0.52 -12.91 13.59
N GLU A 162 0.22 -11.81 13.40
CA GLU A 162 1.18 -11.73 12.30
C GLU A 162 2.33 -12.71 12.49
N ILE A 163 2.78 -12.92 13.73
CA ILE A 163 3.83 -13.91 13.97
C ILE A 163 3.36 -15.30 13.52
N LEU A 164 2.14 -15.68 13.88
CA LEU A 164 1.61 -16.98 13.46
C LEU A 164 1.50 -17.09 11.93
N ARG A 165 1.11 -16.01 11.27
CA ARG A 165 1.05 -16.02 9.81
CA ARG A 165 1.06 -15.99 9.80
C ARG A 165 2.44 -16.23 9.19
N ALA A 166 3.45 -15.60 9.79
CA ALA A 166 4.81 -15.71 9.27
C ALA A 166 5.36 -17.12 9.47
N ILE A 167 5.00 -17.72 10.58
CA ILE A 167 5.42 -19.09 10.86
C ILE A 167 4.80 -20.02 9.79
N GLU A 168 3.52 -19.83 9.50
CA GLU A 168 2.86 -20.60 8.45
C GLU A 168 3.50 -20.39 7.08
N MET A 169 3.81 -19.15 6.74
CA MET A 169 4.42 -18.86 5.44
C MET A 169 5.78 -19.56 5.26
N TYR A 170 6.55 -19.64 6.34
CA TYR A 170 7.82 -20.34 6.27
C TYR A 170 7.60 -21.82 5.96
N LYS A 171 6.64 -22.44 6.64
CA LYS A 171 6.35 -23.86 6.42
C LYS A 171 5.96 -24.14 4.97
N GLU A 172 5.14 -23.28 4.40
CA GLU A 172 4.68 -23.46 3.03
C GLU A 172 5.81 -23.32 2.01
N LYS A 173 6.70 -22.36 2.25
N LYS A 173 6.73 -22.40 2.28
CA LYS A 173 7.79 -22.10 1.32
CA LYS A 173 7.80 -22.07 1.34
C LYS A 173 8.90 -23.15 1.40
C LYS A 173 9.05 -22.95 1.45
N PHE A 174 9.29 -23.52 2.63
CA PHE A 174 10.44 -24.40 2.84
C PHE A 174 10.05 -25.80 3.32
N GLY A 175 8.88 -26.26 2.86
N GLY A 175 9.30 -25.86 4.41
CA GLY A 175 8.37 -27.57 3.24
CA GLY A 175 8.90 -27.11 5.01
C GLY A 175 9.37 -28.43 3.98
C GLY A 175 8.06 -27.98 4.07
N MET B 1 -34.86 -0.60 -27.65
N MET B 1 -35.90 -0.87 -27.10
N MET B 1 -34.58 -0.18 -26.42
CA MET B 1 -36.04 -0.45 -26.82
CA MET B 1 -36.73 -1.21 -28.25
CA MET B 1 -35.96 -0.36 -26.84
C MET B 1 -36.71 0.91 -27.02
C MET B 1 -37.52 0.00 -28.72
C MET B 1 -36.55 0.97 -27.29
N ASN B 2 -37.78 0.93 -27.79
CA ASN B 2 -38.53 2.17 -28.05
C ASN B 2 -39.60 2.29 -26.96
N PRO B 3 -39.39 3.20 -26.01
CA PRO B 3 -40.26 3.35 -24.85
C PRO B 3 -41.69 3.66 -25.27
N PHE B 4 -41.84 4.35 -26.40
CA PHE B 4 -43.16 4.68 -26.91
C PHE B 4 -44.02 3.42 -27.16
N HIS B 5 -43.41 2.37 -27.70
CA HIS B 5 -44.13 1.14 -27.98
C HIS B 5 -44.17 0.18 -26.80
N GLU B 6 -43.17 0.27 -25.92
CA GLU B 6 -42.98 -0.74 -24.88
C GLU B 6 -43.75 -0.48 -23.58
N LEU B 7 -43.92 0.79 -23.21
CA LEU B 7 -44.65 1.14 -22.00
C LEU B 7 -46.15 1.10 -22.25
N GLU B 8 -46.90 0.68 -21.26
CA GLU B 8 -48.36 0.78 -21.31
C GLU B 8 -48.73 2.25 -21.18
N PRO B 9 -49.95 2.62 -21.61
CA PRO B 9 -50.36 4.02 -21.49
C PRO B 9 -50.46 4.54 -20.06
N GLY B 10 -50.64 3.64 -19.08
CA GLY B 10 -50.79 4.07 -17.71
C GLY B 10 -51.17 2.92 -16.79
N PRO B 11 -51.03 3.12 -15.47
CA PRO B 11 -51.39 2.09 -14.49
C PRO B 11 -52.88 2.03 -14.18
N GLU B 12 -53.61 3.11 -14.43
CA GLU B 12 -55.05 3.16 -14.18
C GLU B 12 -55.74 4.11 -15.15
N VAL B 13 -55.65 3.80 -16.44
CA VAL B 13 -56.18 4.69 -17.48
CA VAL B 13 -56.18 4.67 -17.49
C VAL B 13 -57.70 4.81 -17.39
N PRO B 14 -58.23 6.03 -17.59
CA PRO B 14 -57.52 7.28 -17.89
C PRO B 14 -57.38 8.18 -16.65
N GLU B 15 -57.60 7.65 -15.46
CA GLU B 15 -57.48 8.43 -14.24
C GLU B 15 -56.01 8.76 -13.93
N VAL B 16 -55.15 7.78 -14.19
CA VAL B 16 -53.71 7.96 -14.03
C VAL B 16 -53.02 7.42 -15.27
N VAL B 17 -52.26 8.28 -15.95
CA VAL B 17 -51.55 7.82 -17.15
C VAL B 17 -50.05 7.98 -16.92
N TYR B 18 -49.24 7.38 -17.80
CA TYR B 18 -47.81 7.64 -17.75
C TYR B 18 -47.53 8.78 -18.69
N ALA B 19 -46.77 9.77 -18.23
CA ALA B 19 -46.22 10.78 -19.13
C ALA B 19 -44.73 10.46 -19.33
N LEU B 20 -44.33 10.26 -20.58
CA LEU B 20 -42.91 10.06 -20.89
C LEU B 20 -42.36 11.41 -21.35
N ILE B 21 -41.56 12.05 -20.49
CA ILE B 21 -41.17 13.43 -20.72
C ILE B 21 -40.07 13.51 -21.79
N GLU B 22 -40.25 14.44 -22.73
CA GLU B 22 -39.23 14.71 -23.74
C GLU B 22 -38.52 16.03 -23.48
N ILE B 23 -39.26 17.02 -22.98
CA ILE B 23 -38.70 18.38 -22.81
C ILE B 23 -38.99 18.87 -21.40
N PRO B 24 -37.93 19.11 -20.62
CA PRO B 24 -38.14 19.64 -19.28
C PRO B 24 -38.53 21.12 -19.34
N LYS B 25 -39.30 21.57 -18.35
N LYS B 25 -39.31 21.58 -18.36
N LYS B 25 -39.31 21.57 -18.36
N LYS B 25 -39.28 21.57 -18.34
CA LYS B 25 -39.63 22.98 -18.20
CA LYS B 25 -39.66 22.98 -18.27
CA LYS B 25 -39.64 22.98 -18.25
CA LYS B 25 -39.64 22.98 -18.23
C LYS B 25 -38.34 23.79 -18.23
C LYS B 25 -38.39 23.82 -18.19
C LYS B 25 -38.36 23.80 -18.23
C LYS B 25 -38.39 23.85 -18.15
N GLY B 26 -38.36 24.91 -18.93
CA GLY B 26 -37.22 25.81 -18.96
C GLY B 26 -36.34 25.63 -20.20
N SER B 27 -36.66 24.63 -21.01
N SER B 27 -36.63 24.61 -21.01
CA SER B 27 -35.87 24.33 -22.20
CA SER B 27 -35.79 24.34 -22.18
C SER B 27 -36.24 25.25 -23.37
C SER B 27 -36.21 25.18 -23.38
N ARG B 28 -35.23 25.75 -24.08
CA ARG B 28 -35.49 26.38 -25.37
C ARG B 28 -35.24 25.37 -26.51
N ASN B 29 -34.52 24.31 -26.21
CA ASN B 29 -34.33 23.22 -27.17
C ASN B 29 -35.58 22.34 -27.23
N LYS B 30 -36.07 22.07 -28.43
CA LYS B 30 -37.25 21.23 -28.61
C LYS B 30 -36.79 19.83 -28.98
N TYR B 31 -36.99 18.89 -28.07
CA TYR B 31 -36.60 17.50 -28.29
C TYR B 31 -37.80 16.64 -28.69
N GLU B 32 -37.50 15.51 -29.32
N GLU B 32 -37.50 15.54 -29.37
N GLU B 32 -37.51 15.53 -29.36
CA GLU B 32 -38.52 14.56 -29.73
CA GLU B 32 -38.51 14.54 -29.70
CA GLU B 32 -38.53 14.54 -29.70
C GLU B 32 -37.90 13.18 -29.88
C GLU B 32 -37.86 13.18 -29.52
C GLU B 32 -37.86 13.18 -29.58
N LEU B 33 -38.67 12.14 -29.58
CA LEU B 33 -38.15 10.77 -29.63
C LEU B 33 -37.85 10.38 -31.08
N ASP B 34 -36.63 9.93 -31.36
CA ASP B 34 -36.32 9.39 -32.68
C ASP B 34 -37.19 8.15 -32.88
N LYS B 35 -37.91 8.08 -34.00
N LYS B 35 -37.91 8.10 -33.99
CA LYS B 35 -38.88 7.01 -34.19
CA LYS B 35 -38.86 7.03 -34.24
C LYS B 35 -38.27 5.64 -34.48
C LYS B 35 -38.22 5.66 -34.37
N LYS B 36 -37.05 5.62 -35.00
CA LYS B 36 -36.35 4.37 -35.24
C LYS B 36 -35.82 3.77 -33.94
N THR B 37 -35.00 4.53 -33.22
CA THR B 37 -34.22 3.97 -32.12
C THR B 37 -34.79 4.28 -30.73
N GLY B 38 -35.64 5.29 -30.65
CA GLY B 38 -36.19 5.70 -29.37
C GLY B 38 -35.26 6.58 -28.56
N LEU B 39 -34.15 7.01 -29.17
CA LEU B 39 -33.27 7.98 -28.52
C LEU B 39 -33.85 9.38 -28.60
N LEU B 40 -33.47 10.22 -27.65
CA LEU B 40 -33.84 11.63 -27.71
C LEU B 40 -33.12 12.29 -28.88
N LYS B 41 -33.85 13.12 -29.61
CA LYS B 41 -33.31 13.83 -30.77
CA LYS B 41 -33.27 13.84 -30.74
C LYS B 41 -33.64 15.31 -30.67
N LEU B 42 -32.72 16.19 -31.07
CA LEU B 42 -33.04 17.61 -31.15
C LEU B 42 -33.91 17.83 -32.40
N ASP B 43 -35.14 18.29 -32.20
CA ASP B 43 -36.03 18.60 -33.32
C ASP B 43 -35.65 19.98 -33.86
N ARG B 44 -35.61 20.97 -32.97
CA ARG B 44 -35.12 22.29 -33.36
C ARG B 44 -34.81 23.13 -32.13
N VAL B 45 -34.13 24.24 -32.35
CA VAL B 45 -33.99 25.24 -31.30
C VAL B 45 -35.09 26.24 -31.60
N LEU B 46 -35.91 26.58 -30.61
CA LEU B 46 -36.97 27.56 -30.88
C LEU B 46 -36.37 28.86 -31.41
N TYR B 47 -37.03 29.43 -32.41
CA TYR B 47 -36.53 30.62 -33.10
C TYR B 47 -36.61 31.87 -32.23
N SER B 48 -37.37 31.78 -31.15
CA SER B 48 -37.61 32.90 -30.26
C SER B 48 -37.12 32.55 -28.87
N PRO B 49 -36.85 33.57 -28.04
CA PRO B 49 -36.31 33.26 -26.71
C PRO B 49 -37.45 32.91 -25.76
N PHE B 50 -38.14 31.81 -26.05
N PHE B 50 -38.12 31.82 -26.09
CA PHE B 50 -39.20 31.31 -25.20
CA PHE B 50 -39.18 31.23 -25.26
C PHE B 50 -38.72 29.98 -24.65
C PHE B 50 -38.55 30.07 -24.51
N PHE B 51 -39.23 29.59 -23.48
CA PHE B 51 -38.91 28.30 -22.89
C PHE B 51 -40.20 27.53 -22.65
N TYR B 52 -40.14 26.21 -22.73
CA TYR B 52 -41.30 25.40 -22.42
C TYR B 52 -41.74 25.67 -20.98
N PRO B 53 -43.03 26.01 -20.79
CA PRO B 53 -43.52 26.42 -19.46
C PRO B 53 -43.91 25.24 -18.59
N VAL B 54 -43.88 24.04 -19.15
CA VAL B 54 -44.27 22.82 -18.46
C VAL B 54 -43.34 21.70 -18.90
N ASP B 55 -43.27 20.61 -18.15
N ASP B 55 -43.32 20.58 -18.18
CA ASP B 55 -42.58 19.41 -18.62
CA ASP B 55 -42.59 19.39 -18.61
C ASP B 55 -43.45 18.81 -19.70
C ASP B 55 -43.41 18.63 -19.64
N TYR B 56 -42.85 18.46 -20.84
CA TYR B 56 -43.61 18.13 -22.03
C TYR B 56 -43.24 16.76 -22.56
N GLY B 57 -44.24 15.96 -22.89
CA GLY B 57 -43.93 14.64 -23.40
C GLY B 57 -45.12 13.98 -24.06
N ILE B 58 -45.13 12.65 -24.08
CA ILE B 58 -46.15 11.90 -24.77
C ILE B 58 -46.67 10.81 -23.87
N ILE B 59 -47.88 10.34 -24.17
CA ILE B 59 -48.41 9.16 -23.49
C ILE B 59 -48.07 7.93 -24.33
N PRO B 60 -47.41 6.93 -23.71
CA PRO B 60 -46.97 5.77 -24.51
C PRO B 60 -48.18 5.02 -25.07
N GLN B 61 -47.99 4.31 -26.17
CA GLN B 61 -49.08 3.54 -26.80
C GLN B 61 -50.36 4.34 -27.04
N THR B 62 -50.19 5.58 -27.54
CA THR B 62 -51.31 6.37 -28.01
C THR B 62 -51.00 6.87 -29.40
N TRP B 63 -52.04 7.28 -30.13
CA TRP B 63 -51.87 7.84 -31.46
C TRP B 63 -53.03 8.78 -31.63
N TYR B 64 -52.78 9.95 -32.21
CA TYR B 64 -53.82 10.95 -32.25
C TYR B 64 -54.15 11.35 -33.68
N ASP B 65 -55.17 12.20 -33.82
CA ASP B 65 -55.66 12.59 -35.14
C ASP B 65 -54.62 13.28 -36.02
N ASP B 66 -53.58 13.85 -35.40
CA ASP B 66 -52.54 14.54 -36.15
C ASP B 66 -51.38 13.62 -36.57
N GLY B 67 -51.55 12.32 -36.35
CA GLY B 67 -50.59 11.34 -36.80
C GLY B 67 -49.31 11.27 -35.97
N ASP B 68 -49.46 11.52 -34.67
CA ASP B 68 -48.34 11.42 -33.73
C ASP B 68 -48.87 10.89 -32.42
N PRO B 69 -47.97 10.45 -31.52
CA PRO B 69 -48.40 10.11 -30.15
C PRO B 69 -49.09 11.30 -29.50
N PHE B 70 -49.99 11.05 -28.55
CA PHE B 70 -50.80 12.07 -27.93
C PHE B 70 -49.93 12.86 -26.94
N ASP B 71 -49.91 14.17 -27.07
CA ASP B 71 -49.04 15.02 -26.25
CA ASP B 71 -49.04 15.02 -26.25
C ASP B 71 -49.60 15.25 -24.84
N ILE B 72 -48.71 15.34 -23.87
CA ILE B 72 -49.11 15.61 -22.48
C ILE B 72 -48.15 16.61 -21.85
N MET B 73 -48.73 17.55 -21.09
CA MET B 73 -47.99 18.58 -20.36
C MET B 73 -48.17 18.30 -18.89
N VAL B 74 -47.07 18.17 -18.15
CA VAL B 74 -47.13 17.89 -16.71
C VAL B 74 -46.57 19.07 -15.95
N ILE B 75 -47.33 19.58 -15.00
CA ILE B 75 -46.85 20.69 -14.18
C ILE B 75 -45.96 20.15 -13.07
N MET B 76 -44.66 20.42 -13.16
CA MET B 76 -43.72 19.97 -12.14
C MET B 76 -43.08 21.19 -11.48
N ARG B 77 -42.86 21.12 -10.17
CA ARG B 77 -42.15 22.19 -9.47
C ARG B 77 -40.65 22.20 -9.80
N GLU B 78 -40.05 21.02 -9.79
CA GLU B 78 -38.67 20.82 -10.24
C GLU B 78 -38.75 19.97 -11.50
N PRO B 79 -38.22 20.46 -12.62
CA PRO B 79 -38.32 19.71 -13.89
C PRO B 79 -37.59 18.37 -13.79
N VAL B 80 -38.02 17.38 -14.55
CA VAL B 80 -37.34 16.10 -14.55
C VAL B 80 -36.38 16.05 -15.74
N TYR B 81 -35.72 14.92 -15.94
CA TYR B 81 -34.83 14.73 -17.08
C TYR B 81 -35.61 14.14 -18.24
N PRO B 82 -35.13 14.34 -19.48
CA PRO B 82 -35.79 13.68 -20.61
C PRO B 82 -35.78 12.17 -20.41
N LEU B 83 -36.84 11.54 -20.92
CA LEU B 83 -37.08 10.09 -20.85
C LEU B 83 -37.44 9.61 -19.44
N THR B 84 -37.86 10.53 -18.58
CA THR B 84 -38.37 10.14 -17.27
C THR B 84 -39.87 9.85 -17.36
N ILE B 85 -40.31 8.77 -16.71
CA ILE B 85 -41.73 8.45 -16.60
C ILE B 85 -42.35 9.13 -15.38
N ILE B 86 -43.46 9.83 -15.58
CA ILE B 86 -44.17 10.44 -14.47
C ILE B 86 -45.60 9.89 -14.45
N GLU B 87 -46.05 9.38 -13.30
N GLU B 87 -46.06 9.37 -13.31
CA GLU B 87 -47.46 9.04 -13.12
CA GLU B 87 -47.47 9.02 -13.18
C GLU B 87 -48.26 10.34 -12.99
C GLU B 87 -48.28 10.30 -12.98
N ALA B 88 -49.21 10.54 -13.90
CA ALA B 88 -49.89 11.85 -13.99
C ALA B 88 -51.40 11.74 -14.01
N ARG B 89 -52.05 12.71 -13.38
N ARG B 89 -52.05 12.68 -13.32
CA ARG B 89 -53.50 12.80 -13.35
CA ARG B 89 -53.50 12.84 -13.36
C ARG B 89 -53.97 13.90 -14.32
C ARG B 89 -53.91 13.90 -14.37
N PRO B 90 -54.71 13.51 -15.38
CA PRO B 90 -55.21 14.50 -16.32
C PRO B 90 -56.20 15.45 -15.64
N ILE B 91 -56.04 16.75 -15.87
CA ILE B 91 -56.99 17.70 -15.28
C ILE B 91 -57.63 18.59 -16.33
N GLY B 92 -57.19 18.45 -17.57
CA GLY B 92 -57.75 19.25 -18.64
C GLY B 92 -57.07 19.05 -19.97
N ILE B 93 -57.53 19.78 -20.97
CA ILE B 93 -56.99 19.60 -22.31
C ILE B 93 -56.95 20.93 -23.06
N MET B 94 -55.83 21.21 -23.72
CA MET B 94 -55.73 22.42 -24.50
C MET B 94 -56.10 22.07 -25.93
N LYS B 95 -57.07 22.79 -26.48
CA LYS B 95 -57.55 22.55 -27.83
C LYS B 95 -56.87 23.54 -28.76
N MET B 96 -56.13 23.04 -29.74
CA MET B 96 -55.49 23.95 -30.67
C MET B 96 -55.30 23.27 -32.02
N GLU B 97 -55.25 24.10 -33.05
CA GLU B 97 -54.97 23.63 -34.40
C GLU B 97 -53.68 24.25 -34.90
N ASP B 98 -52.89 23.43 -35.56
CA ASP B 98 -51.63 23.84 -36.15
C ASP B 98 -51.62 23.38 -37.61
N SER B 99 -51.80 24.31 -38.54
CA SER B 99 -51.72 24.00 -39.96
C SER B 99 -52.62 22.83 -40.35
N GLY B 100 -53.88 22.88 -39.96
CA GLY B 100 -54.82 21.83 -40.29
C GLY B 100 -54.83 20.67 -39.32
N ASP B 101 -53.79 20.56 -38.50
CA ASP B 101 -53.64 19.44 -37.55
C ASP B 101 -54.34 19.70 -36.22
N LYS B 102 -55.09 18.71 -35.76
CA LYS B 102 -55.73 18.76 -34.45
C LYS B 102 -54.68 18.42 -33.38
N ASP B 103 -54.00 19.44 -32.88
CA ASP B 103 -52.81 19.21 -32.06
C ASP B 103 -53.15 19.46 -30.59
N TRP B 104 -54.18 18.80 -30.09
CA TRP B 104 -54.62 18.94 -28.70
C TRP B 104 -53.62 18.32 -27.72
N LYS B 105 -53.55 18.85 -26.50
CA LYS B 105 -52.54 18.44 -25.53
C LYS B 105 -53.16 18.30 -24.14
N VAL B 106 -52.97 17.15 -23.52
CA VAL B 106 -53.46 16.94 -22.16
C VAL B 106 -52.65 17.76 -21.19
N LEU B 107 -53.34 18.37 -20.22
CA LEU B 107 -52.70 19.01 -19.09
C LEU B 107 -52.87 18.14 -17.86
N ALA B 108 -51.76 17.89 -17.15
CA ALA B 108 -51.79 16.93 -16.05
C ALA B 108 -50.94 17.38 -14.88
N VAL B 109 -51.20 16.78 -13.72
CA VAL B 109 -50.35 17.00 -12.55
C VAL B 109 -49.79 15.67 -12.06
N PRO B 110 -48.63 15.72 -11.38
CA PRO B 110 -48.01 14.49 -10.91
C PRO B 110 -48.78 13.96 -9.72
N VAL B 111 -49.06 12.67 -9.74
CA VAL B 111 -49.73 12.00 -8.63
C VAL B 111 -48.92 12.10 -7.33
N GLU B 112 -47.60 12.08 -7.45
CA GLU B 112 -46.75 11.91 -6.28
C GLU B 112 -46.08 13.21 -5.83
N ASP B 113 -46.72 14.34 -6.11
CA ASP B 113 -46.36 15.60 -5.46
C ASP B 113 -47.59 16.10 -4.70
N PRO B 114 -47.52 16.12 -3.36
CA PRO B 114 -48.70 16.46 -2.56
C PRO B 114 -49.13 17.93 -2.73
N TYR B 115 -48.26 18.75 -3.30
CA TYR B 115 -48.60 20.12 -3.63
C TYR B 115 -49.85 20.21 -4.49
N PHE B 116 -50.04 19.24 -5.37
CA PHE B 116 -51.14 19.27 -6.34
C PHE B 116 -52.33 18.41 -5.96
N ASN B 117 -52.36 17.93 -4.71
CA ASN B 117 -53.40 17.01 -4.27
C ASN B 117 -54.83 17.50 -4.52
N ASP B 118 -55.02 18.81 -4.46
CA ASP B 118 -56.35 19.37 -4.67
C ASP B 118 -56.59 19.95 -6.06
N TRP B 119 -55.67 19.67 -6.99
CA TRP B 119 -55.88 20.05 -8.39
C TRP B 119 -56.49 18.84 -9.09
N LYS B 120 -57.76 18.96 -9.48
CA LYS B 120 -58.48 17.83 -10.09
C LYS B 120 -59.16 18.21 -11.40
N ASP B 121 -59.28 19.50 -11.66
N ASP B 121 -59.29 19.50 -11.67
CA ASP B 121 -59.95 19.95 -12.87
CA ASP B 121 -59.92 19.92 -12.90
C ASP B 121 -59.34 21.26 -13.36
C ASP B 121 -59.35 21.26 -13.36
N ILE B 122 -59.71 21.66 -14.58
CA ILE B 122 -59.12 22.83 -15.21
C ILE B 122 -59.37 24.11 -14.39
N SER B 123 -60.50 24.17 -13.69
CA SER B 123 -60.82 25.33 -12.88
C SER B 123 -59.92 25.51 -11.65
N ASP B 124 -59.10 24.52 -11.34
CA ASP B 124 -58.18 24.62 -10.21
C ASP B 124 -56.86 25.32 -10.56
N VAL B 125 -56.61 25.54 -11.85
CA VAL B 125 -55.35 26.16 -12.29
C VAL B 125 -55.50 27.68 -12.36
N PRO B 126 -54.52 28.42 -11.82
CA PRO B 126 -54.60 29.88 -11.94
C PRO B 126 -54.78 30.30 -13.39
N LYS B 127 -55.68 31.24 -13.66
CA LYS B 127 -55.95 31.64 -15.04
C LYS B 127 -54.71 32.17 -15.76
N ALA B 128 -53.87 32.89 -15.04
CA ALA B 128 -52.67 33.46 -15.66
C ALA B 128 -51.74 32.38 -16.17
N PHE B 129 -51.77 31.21 -15.51
CA PHE B 129 -50.90 30.11 -15.94
C PHE B 129 -51.42 29.45 -17.22
N LEU B 130 -52.73 29.21 -17.28
CA LEU B 130 -53.33 28.74 -18.53
C LEU B 130 -53.04 29.71 -19.68
N ASP B 131 -53.17 31.02 -19.42
CA ASP B 131 -52.86 32.06 -20.41
CA ASP B 131 -52.88 32.02 -20.44
C ASP B 131 -51.42 31.95 -20.90
N GLU B 132 -50.49 31.71 -19.97
CA GLU B 132 -49.08 31.67 -20.38
C GLU B 132 -48.76 30.47 -21.26
N ILE B 133 -49.39 29.34 -20.97
CA ILE B 133 -49.20 28.14 -21.79
C ILE B 133 -49.79 28.36 -23.18
N ALA B 134 -51.01 28.88 -23.23
CA ALA B 134 -51.67 29.13 -24.52
C ALA B 134 -50.89 30.13 -25.37
N HIS B 135 -50.36 31.19 -24.74
CA HIS B 135 -49.59 32.20 -25.47
C HIS B 135 -48.32 31.59 -26.07
N PHE B 136 -47.64 30.76 -25.28
CA PHE B 136 -46.45 30.07 -25.76
C PHE B 136 -46.76 29.30 -27.04
N PHE B 137 -47.82 28.49 -27.03
CA PHE B 137 -48.15 27.71 -28.22
C PHE B 137 -48.70 28.57 -29.35
N GLN B 138 -49.27 29.71 -29.01
CA GLN B 138 -49.78 30.59 -30.06
C GLN B 138 -48.63 31.19 -30.86
N ARG B 139 -47.53 31.50 -30.17
CA ARG B 139 -46.45 32.29 -30.78
C ARG B 139 -45.11 31.57 -30.99
N TYR B 140 -44.95 30.35 -30.48
CA TYR B 140 -43.61 29.74 -30.50
C TYR B 140 -43.07 29.39 -31.89
N LYS B 141 -43.96 29.31 -32.88
CA LYS B 141 -43.52 29.08 -34.26
C LYS B 141 -43.75 30.29 -35.19
N GLU B 142 -44.01 31.45 -34.61
CA GLU B 142 -44.31 32.63 -35.41
C GLU B 142 -43.17 33.04 -36.35
N LEU B 143 -41.92 32.91 -35.92
CA LEU B 143 -40.80 33.29 -36.78
C LEU B 143 -40.54 32.22 -37.84
N GLN B 144 -41.20 31.07 -37.70
CA GLN B 144 -41.12 30.04 -38.74
C GLN B 144 -42.24 30.19 -39.75
N GLY B 145 -43.08 31.19 -39.54
CA GLY B 145 -44.15 31.49 -40.48
C GLY B 145 -45.39 30.65 -40.24
N LYS B 146 -45.43 29.98 -39.10
CA LYS B 146 -46.60 29.17 -38.77
C LYS B 146 -47.43 29.87 -37.71
N THR B 147 -48.71 30.04 -38.00
CA THR B 147 -49.63 30.51 -36.98
C THR B 147 -50.43 29.30 -36.49
N THR B 148 -50.65 29.24 -35.19
CA THR B 148 -51.50 28.21 -34.62
C THR B 148 -52.74 28.90 -34.09
N LYS B 149 -53.83 28.16 -33.98
CA LYS B 149 -55.07 28.70 -33.46
C LYS B 149 -55.37 28.05 -32.13
N ILE B 150 -55.49 28.86 -31.08
CA ILE B 150 -55.86 28.31 -29.78
C ILE B 150 -57.38 28.38 -29.67
N GLU B 151 -58.04 27.23 -29.51
N GLU B 151 -58.01 27.23 -29.45
CA GLU B 151 -59.49 27.24 -29.40
CA GLU B 151 -59.48 27.15 -29.42
C GLU B 151 -59.89 27.57 -27.97
C GLU B 151 -60.04 27.26 -28.01
N GLY B 152 -59.22 26.94 -27.02
CA GLY B 152 -59.61 27.06 -25.62
C GLY B 152 -59.26 25.83 -24.82
N TRP B 153 -59.84 25.70 -23.64
CA TRP B 153 -59.50 24.61 -22.73
C TRP B 153 -60.72 23.76 -22.44
N GLY B 154 -60.54 22.45 -22.44
CA GLY B 154 -61.57 21.51 -22.03
C GLY B 154 -61.28 21.01 -20.62
N ASN B 155 -62.29 20.44 -19.97
CA ASN B 155 -62.12 19.96 -18.59
C ASN B 155 -61.57 18.55 -18.51
N ALA B 156 -61.47 18.03 -17.29
CA ALA B 156 -60.85 16.73 -17.05
C ALA B 156 -61.62 15.59 -17.71
N GLU B 157 -62.95 15.68 -17.74
CA GLU B 157 -63.74 14.64 -18.37
C GLU B 157 -63.44 14.57 -19.86
N GLU B 158 -63.34 15.72 -20.52
N GLU B 158 -63.35 15.73 -20.50
CA GLU B 158 -63.03 15.71 -21.94
CA GLU B 158 -63.03 15.80 -21.92
C GLU B 158 -61.63 15.17 -22.17
C GLU B 158 -61.63 15.24 -22.20
N ALA B 159 -60.69 15.58 -21.33
CA ALA B 159 -59.32 15.07 -21.44
C ALA B 159 -59.29 13.55 -21.40
N LYS B 160 -60.02 12.98 -20.45
CA LYS B 160 -60.00 11.53 -20.27
C LYS B 160 -60.63 10.79 -21.45
N ARG B 161 -61.71 11.34 -21.99
N ARG B 161 -61.70 11.35 -21.99
CA ARG B 161 -62.33 10.78 -23.19
CA ARG B 161 -62.34 10.82 -23.19
C ARG B 161 -61.31 10.73 -24.33
C ARG B 161 -61.36 10.76 -24.35
N GLU B 162 -60.60 11.84 -24.55
CA GLU B 162 -59.62 11.89 -25.63
C GLU B 162 -58.45 10.92 -25.43
N ILE B 163 -58.03 10.73 -24.18
CA ILE B 163 -57.00 9.74 -23.92
C ILE B 163 -57.47 8.34 -24.34
N LEU B 164 -58.72 8.01 -24.04
CA LEU B 164 -59.24 6.71 -24.45
C LEU B 164 -59.33 6.58 -25.97
N ARG B 165 -59.68 7.67 -26.64
N ARG B 165 -59.73 7.66 -26.64
CA ARG B 165 -59.75 7.68 -28.09
CA ARG B 165 -59.73 7.66 -28.10
C ARG B 165 -58.36 7.52 -28.72
C ARG B 165 -58.33 7.38 -28.65
N ALA B 166 -57.33 8.02 -28.05
CA ALA B 166 -55.95 7.91 -28.52
C ALA B 166 -55.41 6.52 -28.32
N ILE B 167 -55.82 5.89 -27.23
CA ILE B 167 -55.39 4.52 -26.97
C ILE B 167 -55.97 3.57 -28.01
N GLU B 168 -57.25 3.77 -28.33
CA GLU B 168 -57.90 2.99 -29.38
C GLU B 168 -57.24 3.22 -30.74
N MET B 169 -56.98 4.48 -31.07
N MET B 169 -56.98 4.48 -31.07
CA MET B 169 -56.34 4.78 -32.35
CA MET B 169 -56.33 4.78 -32.34
C MET B 169 -54.97 4.10 -32.50
C MET B 169 -54.99 4.06 -32.49
N TYR B 170 -54.23 3.99 -31.40
CA TYR B 170 -52.96 3.29 -31.42
C TYR B 170 -53.14 1.80 -31.72
N LYS B 171 -54.09 1.17 -31.02
CA LYS B 171 -54.37 -0.25 -31.24
C LYS B 171 -54.73 -0.53 -32.71
N GLU B 172 -55.52 0.37 -33.29
CA GLU B 172 -55.96 0.19 -34.68
C GLU B 172 -54.82 0.36 -35.69
N LYS B 173 -53.91 1.28 -35.41
CA LYS B 173 -52.82 1.57 -36.33
C LYS B 173 -51.62 0.61 -36.27
N PHE B 174 -51.36 0.03 -35.09
CA PHE B 174 -50.18 -0.82 -34.92
C PHE B 174 -50.52 -2.29 -34.63
N GLY B 175 -51.77 -2.54 -34.26
N GLY B 175 -51.77 -2.54 -34.26
CA GLY B 175 -52.23 -3.88 -33.95
C GLY B 175 -52.59 -4.67 -35.19
N MET C 1 27.26 -26.70 15.01
CA MET C 1 28.12 -27.45 15.92
C MET C 1 28.12 -26.80 17.30
N ASN C 2 28.04 -27.61 18.35
N ASN C 2 28.06 -27.61 18.34
CA ASN C 2 28.07 -27.10 19.71
CA ASN C 2 28.08 -27.12 19.71
C ASN C 2 29.49 -27.10 20.27
C ASN C 2 29.51 -27.10 20.26
N PRO C 3 30.06 -25.90 20.49
CA PRO C 3 31.44 -25.76 20.95
C PRO C 3 31.73 -26.51 22.24
N PHE C 4 30.75 -26.58 23.13
CA PHE C 4 30.91 -27.28 24.41
C PHE C 4 31.28 -28.75 24.23
N HIS C 5 30.72 -29.39 23.20
CA HIS C 5 30.95 -30.81 22.94
C HIS C 5 32.12 -31.08 21.99
N GLU C 6 32.43 -30.13 21.12
CA GLU C 6 33.39 -30.37 20.05
C GLU C 6 34.84 -30.05 20.44
N LEU C 7 35.04 -29.08 21.32
CA LEU C 7 36.39 -28.71 21.76
C LEU C 7 36.87 -29.62 22.88
N GLU C 8 38.16 -29.95 22.84
N GLU C 8 38.15 -29.95 22.85
CA GLU C 8 38.81 -30.62 23.97
CA GLU C 8 38.79 -30.64 23.98
C GLU C 8 38.82 -29.69 25.18
C GLU C 8 38.83 -29.70 25.17
N PRO C 9 38.93 -30.25 26.39
CA PRO C 9 38.99 -29.42 27.61
C PRO C 9 40.23 -28.52 27.62
N GLY C 10 41.27 -28.90 26.89
CA GLY C 10 42.46 -28.05 26.83
C GLY C 10 43.61 -28.73 26.13
N PRO C 11 44.68 -27.97 25.83
CA PRO C 11 45.84 -28.53 25.11
C PRO C 11 46.78 -29.26 26.05
N GLU C 12 46.77 -28.94 27.35
CA GLU C 12 47.67 -29.60 28.28
C GLU C 12 47.03 -29.70 29.65
N VAL C 13 45.92 -30.42 29.73
N VAL C 13 45.93 -30.43 29.73
CA VAL C 13 45.16 -30.48 30.98
CA VAL C 13 45.16 -30.55 30.97
C VAL C 13 45.95 -31.20 32.08
C VAL C 13 45.99 -31.20 32.08
N PRO C 14 45.88 -30.69 33.32
CA PRO C 14 45.09 -29.53 33.75
C PRO C 14 45.92 -28.24 33.88
N GLU C 15 47.15 -28.24 33.36
CA GLU C 15 48.04 -27.08 33.50
C GLU C 15 47.56 -25.94 32.61
N VAL C 16 47.09 -26.29 31.42
CA VAL C 16 46.52 -25.28 30.51
C VAL C 16 45.20 -25.82 29.98
N VAL C 17 44.12 -25.07 30.19
CA VAL C 17 42.81 -25.52 29.71
C VAL C 17 42.28 -24.49 28.73
N TYR C 18 41.23 -24.85 28.00
CA TYR C 18 40.53 -23.88 27.19
C TYR C 18 39.41 -23.26 28.03
N ALA C 19 39.32 -21.94 27.99
CA ALA C 19 38.13 -21.28 28.52
C ALA C 19 37.32 -20.79 27.33
N LEU C 20 36.07 -21.24 27.22
CA LEU C 20 35.18 -20.71 26.18
C LEU C 20 34.35 -19.60 26.83
N ILE C 21 34.64 -18.36 26.46
CA ILE C 21 34.07 -17.22 27.16
C ILE C 21 32.62 -17.02 26.74
N GLU C 22 31.73 -16.84 27.72
CA GLU C 22 30.33 -16.51 27.46
C GLU C 22 30.02 -15.05 27.81
N ILE C 23 30.65 -14.53 28.86
CA ILE C 23 30.35 -13.18 29.38
C ILE C 23 31.62 -12.35 29.54
N PRO C 24 31.75 -11.26 28.79
CA PRO C 24 32.94 -10.42 28.96
C PRO C 24 32.85 -9.60 30.22
N LYS C 25 34.00 -9.30 30.83
N LYS C 25 34.00 -9.32 30.83
CA LYS C 25 34.08 -8.39 31.96
CA LYS C 25 34.05 -8.41 31.98
C LYS C 25 33.35 -7.09 31.64
C LYS C 25 33.32 -7.11 31.64
N GLY C 26 32.55 -6.60 32.58
CA GLY C 26 31.82 -5.37 32.39
C GLY C 26 30.37 -5.53 31.94
N SER C 27 29.96 -6.77 31.66
N SER C 27 29.94 -6.76 31.65
CA SER C 27 28.58 -7.05 31.24
CA SER C 27 28.57 -7.00 31.22
C SER C 27 27.60 -7.06 32.43
C SER C 27 27.59 -7.12 32.39
N ARG C 28 26.42 -6.49 32.24
CA ARG C 28 25.34 -6.71 33.18
C ARG C 28 24.40 -7.80 32.61
N ASN C 29 24.48 -8.03 31.30
CA ASN C 29 23.74 -9.13 30.68
C ASN C 29 24.43 -10.45 30.98
N LYS C 30 23.66 -11.43 31.46
CA LYS C 30 24.22 -12.76 31.74
C LYS C 30 23.87 -13.67 30.57
N TYR C 31 24.89 -14.11 29.84
CA TYR C 31 24.70 -14.99 28.69
C TYR C 31 25.07 -16.41 29.03
N GLU C 32 24.46 -17.35 28.30
N GLU C 32 24.48 -17.34 28.28
N GLU C 32 24.47 -17.37 28.32
CA GLU C 32 24.80 -18.76 28.39
CA GLU C 32 24.78 -18.76 28.38
CA GLU C 32 24.92 -18.75 28.40
C GLU C 32 24.89 -19.34 26.98
C GLU C 32 24.91 -19.33 26.98
C GLU C 32 24.66 -19.47 27.09
N LEU C 33 25.40 -20.55 26.87
CA LEU C 33 25.35 -21.29 25.62
C LEU C 33 23.99 -21.99 25.50
N ASP C 34 23.30 -21.78 24.38
CA ASP C 34 22.06 -22.53 24.12
C ASP C 34 22.41 -24.01 24.08
N LYS C 35 21.68 -24.82 24.84
N LYS C 35 21.69 -24.82 24.85
N LYS C 35 21.67 -24.80 24.84
CA LYS C 35 22.02 -26.23 24.97
CA LYS C 35 22.01 -26.24 24.97
CA LYS C 35 21.94 -26.23 25.00
C LYS C 35 21.90 -26.99 23.65
C LYS C 35 21.90 -26.98 23.64
C LYS C 35 21.90 -26.96 23.66
N LYS C 36 20.83 -26.73 22.91
CA LYS C 36 20.61 -27.41 21.64
C LYS C 36 21.53 -26.97 20.50
N THR C 37 21.71 -25.67 20.32
CA THR C 37 22.35 -25.15 19.12
C THR C 37 23.80 -24.67 19.30
N GLY C 38 24.15 -24.28 20.51
CA GLY C 38 25.48 -23.75 20.78
C GLY C 38 25.60 -22.26 20.51
N LEU C 39 24.46 -21.61 20.25
CA LEU C 39 24.47 -20.16 20.07
C LEU C 39 24.45 -19.48 21.42
N LEU C 40 24.91 -18.23 21.45
CA LEU C 40 24.84 -17.44 22.65
C LEU C 40 23.38 -17.11 22.92
N LYS C 41 22.99 -17.15 24.18
CA LYS C 41 21.62 -16.84 24.56
C LYS C 41 21.64 -15.95 25.78
N LEU C 42 20.75 -14.98 25.82
CA LEU C 42 20.58 -14.18 27.05
C LEU C 42 19.90 -15.05 28.11
N ASP C 43 20.56 -15.23 29.23
CA ASP C 43 19.95 -15.97 30.34
C ASP C 43 19.07 -15.01 31.13
N ARG C 44 19.67 -13.94 31.63
CA ARG C 44 18.90 -12.88 32.26
C ARG C 44 19.69 -11.58 32.28
N VAL C 45 19.01 -10.49 32.62
CA VAL C 45 19.68 -9.24 32.92
C VAL C 45 19.78 -9.24 34.44
N LEU C 46 20.98 -9.07 34.98
CA LEU C 46 21.11 -9.07 36.44
C LEU C 46 20.17 -8.02 37.03
N TYR C 47 19.52 -8.37 38.14
CA TYR C 47 18.50 -7.52 38.75
C TYR C 47 19.07 -6.29 39.43
N SER C 48 20.37 -6.27 39.63
CA SER C 48 21.06 -5.19 40.32
C SER C 48 22.12 -4.62 39.39
N PRO C 49 22.55 -3.38 39.63
CA PRO C 49 23.55 -2.73 38.76
C PRO C 49 24.96 -3.21 39.08
N PHE C 50 25.15 -4.52 38.91
N PHE C 50 25.18 -4.51 38.89
CA PHE C 50 26.45 -5.18 39.02
CA PHE C 50 26.50 -5.09 39.06
C PHE C 50 26.97 -5.35 37.62
C PHE C 50 26.96 -5.55 37.69
N PHE C 51 28.27 -5.59 37.49
CA PHE C 51 28.84 -6.10 36.26
C PHE C 51 29.76 -7.30 36.57
N TYR C 52 29.83 -8.26 35.66
CA TYR C 52 30.78 -9.36 35.80
C TYR C 52 32.21 -8.83 35.92
N PRO C 53 32.91 -9.18 37.02
CA PRO C 53 34.24 -8.62 37.31
C PRO C 53 35.38 -9.28 36.55
N VAL C 54 35.06 -10.36 35.83
CA VAL C 54 36.04 -11.15 35.10
C VAL C 54 35.37 -11.62 33.82
N ASP C 55 36.16 -12.03 32.83
N ASP C 55 36.17 -12.12 32.87
CA ASP C 55 35.58 -12.73 31.68
CA ASP C 55 35.62 -12.76 31.67
C ASP C 55 35.15 -14.10 32.18
C ASP C 55 35.23 -14.21 31.97
N TYR C 56 33.94 -14.51 31.82
CA TYR C 56 33.33 -15.68 32.44
C TYR C 56 32.90 -16.69 31.39
N GLY C 57 33.19 -17.96 31.62
CA GLY C 57 32.79 -18.95 30.64
C GLY C 57 32.85 -20.37 31.20
N ILE C 58 33.06 -21.33 30.30
CA ILE C 58 33.03 -22.74 30.70
C ILE C 58 34.24 -23.43 30.09
N ILE C 59 34.62 -24.55 30.69
CA ILE C 59 35.61 -25.42 30.11
C ILE C 59 34.88 -26.47 29.27
N PRO C 60 35.26 -26.61 27.99
CA PRO C 60 34.55 -27.56 27.13
C PRO C 60 34.73 -28.99 27.64
N GLN C 61 33.74 -29.85 27.36
CA GLN C 61 33.81 -31.26 27.72
C GLN C 61 34.09 -31.48 29.20
N THR C 62 33.39 -30.71 30.04
CA THR C 62 33.41 -30.94 31.49
C THR C 62 31.98 -31.01 32.00
N TRP C 63 31.80 -31.63 33.16
CA TRP C 63 30.50 -31.68 33.79
C TRP C 63 30.77 -31.60 35.28
N TYR C 64 29.92 -30.90 36.00
CA TYR C 64 30.17 -30.73 37.43
C TYR C 64 29.00 -31.24 38.26
N ASP C 65 29.17 -31.18 39.58
CA ASP C 65 28.17 -31.70 40.51
C ASP C 65 26.83 -30.98 40.38
N ASP C 66 26.84 -29.73 39.94
CA ASP C 66 25.60 -28.96 39.87
C ASP C 66 24.83 -29.18 38.56
N GLY C 67 25.27 -30.14 37.75
CA GLY C 67 24.55 -30.50 36.54
C GLY C 67 24.74 -29.51 35.39
N ASP C 68 25.91 -28.89 35.34
CA ASP C 68 26.25 -27.97 34.25
C ASP C 68 27.73 -28.15 33.90
N PRO C 69 28.15 -27.57 32.76
CA PRO C 69 29.59 -27.53 32.48
C PRO C 69 30.32 -26.79 33.59
N PHE C 70 31.59 -27.09 33.79
CA PHE C 70 32.38 -26.47 34.86
C PHE C 70 32.74 -25.02 34.47
N ASP C 71 32.45 -24.08 35.36
CA ASP C 71 32.65 -22.64 35.07
C ASP C 71 34.09 -22.22 35.31
N ILE C 72 34.55 -21.25 34.51
CA ILE C 72 35.90 -20.73 34.65
C ILE C 72 35.84 -19.20 34.49
N MET C 73 36.61 -18.52 35.32
CA MET C 73 36.72 -17.08 35.29
C MET C 73 38.14 -16.76 34.86
N VAL C 74 38.28 -15.94 33.83
CA VAL C 74 39.60 -15.60 33.32
C VAL C 74 39.87 -14.12 33.51
N ILE C 75 41.00 -13.78 34.14
CA ILE C 75 41.33 -12.37 34.35
C ILE C 75 41.94 -11.79 33.07
N MET C 76 41.20 -10.93 32.39
CA MET C 76 41.68 -10.31 31.14
C MET C 76 41.77 -8.81 31.33
N ARG C 77 42.85 -8.20 30.85
CA ARG C 77 42.97 -6.73 30.90
C ARG C 77 41.99 -6.03 29.97
N GLU C 78 41.89 -6.54 28.75
CA GLU C 78 40.88 -6.08 27.81
C GLU C 78 39.94 -7.26 27.56
N PRO C 79 38.63 -7.07 27.80
CA PRO C 79 37.68 -8.19 27.70
C PRO C 79 37.64 -8.77 26.28
N VAL C 80 37.34 -10.06 26.15
CA VAL C 80 37.20 -10.64 24.82
C VAL C 80 35.73 -10.62 24.39
N TYR C 81 35.43 -11.12 23.20
CA TYR C 81 34.06 -11.24 22.75
C TYR C 81 33.52 -12.59 23.19
N PRO C 82 32.19 -12.71 23.31
CA PRO C 82 31.63 -14.03 23.62
C PRO C 82 32.00 -15.05 22.55
N LEU C 83 32.14 -16.31 22.98
CA LEU C 83 32.50 -17.44 22.13
C LEU C 83 33.97 -17.41 21.68
N THR C 84 34.79 -16.65 22.41
CA THR C 84 36.22 -16.64 22.14
C THR C 84 36.90 -17.70 23.02
N ILE C 85 37.82 -18.47 22.42
CA ILE C 85 38.62 -19.44 23.17
C ILE C 85 39.88 -18.79 23.74
N ILE C 86 40.13 -18.96 25.04
CA ILE C 86 41.35 -18.48 25.68
C ILE C 86 42.08 -19.66 26.30
N GLU C 87 43.37 -19.81 26.00
CA GLU C 87 44.20 -20.77 26.73
CA GLU C 87 44.23 -20.76 26.71
C GLU C 87 44.54 -20.17 28.09
N ALA C 88 44.15 -20.88 29.14
CA ALA C 88 44.16 -20.32 30.48
C ALA C 88 44.87 -21.25 31.44
N ARG C 89 45.61 -20.65 32.37
CA ARG C 89 46.28 -21.38 33.44
C ARG C 89 45.45 -21.27 34.73
N PRO C 90 44.97 -22.40 35.27
CA PRO C 90 44.21 -22.29 36.52
C PRO C 90 45.12 -21.89 37.68
N ILE C 91 44.68 -20.95 38.51
CA ILE C 91 45.50 -20.54 39.65
C ILE C 91 44.78 -20.65 40.98
N GLY C 92 43.50 -21.02 40.94
CA GLY C 92 42.72 -21.12 42.16
C GLY C 92 41.29 -21.52 41.88
N ILE C 93 40.51 -21.66 42.94
CA ILE C 93 39.12 -22.04 42.75
C ILE C 93 38.25 -21.40 43.82
N MET C 94 37.11 -20.83 43.40
CA MET C 94 36.18 -20.27 44.35
C MET C 94 35.16 -21.32 44.76
N LYS C 95 35.05 -21.55 46.05
CA LYS C 95 34.14 -22.55 46.58
C LYS C 95 32.88 -21.85 47.04
N MET C 96 31.75 -22.23 46.48
N MET C 96 31.76 -22.20 46.43
CA MET C 96 30.49 -21.61 46.87
CA MET C 96 30.49 -21.54 46.76
C MET C 96 29.32 -22.53 46.59
C MET C 96 29.34 -22.51 46.62
N GLU C 97 28.25 -22.32 47.34
N GLU C 97 28.27 -22.23 47.34
CA GLU C 97 27.03 -23.08 47.17
CA GLU C 97 27.04 -22.98 47.20
C GLU C 97 25.87 -22.15 46.84
C GLU C 97 25.95 -22.04 46.72
N ASP C 98 25.11 -22.51 45.82
CA ASP C 98 24.00 -21.72 45.35
C ASP C 98 22.75 -22.57 45.48
N SER C 99 21.97 -22.31 46.52
CA SER C 99 20.72 -23.03 46.75
C SER C 99 20.95 -24.54 46.88
N GLY C 100 21.97 -24.92 47.65
CA GLY C 100 22.25 -26.32 47.89
C GLY C 100 23.15 -26.97 46.86
N ASP C 101 23.34 -26.29 45.72
CA ASP C 101 24.20 -26.79 44.66
C ASP C 101 25.65 -26.36 44.84
N LYS C 102 26.56 -27.30 44.63
CA LYS C 102 27.99 -27.00 44.60
C LYS C 102 28.31 -26.31 43.28
N ASP C 103 28.59 -25.01 43.34
CA ASP C 103 28.73 -24.19 42.13
C ASP C 103 30.12 -23.55 42.13
N TRP C 104 31.14 -24.38 42.35
CA TRP C 104 32.52 -23.91 42.39
C TRP C 104 32.97 -23.41 41.01
N LYS C 105 33.91 -22.47 41.02
CA LYS C 105 34.35 -21.84 39.76
C LYS C 105 35.85 -21.68 39.75
N VAL C 106 36.47 -22.13 38.67
CA VAL C 106 37.91 -22.03 38.52
C VAL C 106 38.32 -20.57 38.27
N LEU C 107 39.40 -20.10 38.92
CA LEU C 107 39.98 -18.80 38.57
C LEU C 107 41.25 -19.03 37.76
N ALA C 108 41.43 -18.28 36.67
CA ALA C 108 42.53 -18.57 35.76
C ALA C 108 43.08 -17.29 35.15
N VAL C 109 44.30 -17.38 34.62
CA VAL C 109 44.90 -16.26 33.92
C VAL C 109 45.23 -16.70 32.50
N PRO C 110 45.26 -15.75 31.56
CA PRO C 110 45.55 -16.15 30.18
C PRO C 110 47.02 -16.46 30.05
N VAL C 111 47.33 -17.52 29.33
CA VAL C 111 48.71 -17.90 29.11
C VAL C 111 49.44 -16.87 28.24
N GLU C 112 48.71 -16.24 27.32
CA GLU C 112 49.36 -15.38 26.32
C GLU C 112 49.31 -13.88 26.63
N ASP C 113 49.15 -13.52 27.90
CA ASP C 113 49.34 -12.14 28.33
C ASP C 113 50.51 -12.14 29.30
N PRO C 114 51.63 -11.49 28.93
CA PRO C 114 52.83 -11.57 29.78
C PRO C 114 52.67 -10.84 31.12
N TYR C 115 51.65 -10.01 31.22
CA TYR C 115 51.34 -9.34 32.48
C TYR C 115 51.19 -10.36 33.61
N PHE C 116 50.64 -11.53 33.30
CA PHE C 116 50.32 -12.52 34.31
C PHE C 116 51.35 -13.63 34.41
N ASN C 117 52.51 -13.43 33.81
CA ASN C 117 53.51 -14.49 33.75
C ASN C 117 53.87 -15.04 35.13
N ASP C 118 53.88 -14.17 36.14
CA ASP C 118 54.22 -14.62 37.49
C ASP C 118 53.04 -15.03 38.36
N TRP C 119 51.82 -15.02 37.83
CA TRP C 119 50.66 -15.42 38.63
C TRP C 119 50.50 -16.93 38.45
N LYS C 120 50.74 -17.69 39.51
CA LYS C 120 50.70 -19.15 39.41
C LYS C 120 49.83 -19.80 40.48
N ASP C 121 49.43 -19.02 41.48
N ASP C 121 49.49 -19.03 41.51
CA ASP C 121 48.64 -19.58 42.57
CA ASP C 121 48.70 -19.54 42.62
C ASP C 121 47.79 -18.49 43.22
C ASP C 121 47.75 -18.47 43.12
N ILE C 122 46.85 -18.91 44.04
N ILE C 122 46.86 -18.83 44.02
CA ILE C 122 45.84 -18.02 44.60
CA ILE C 122 45.84 -17.90 44.51
C ILE C 122 46.46 -16.86 45.39
C ILE C 122 46.46 -16.82 45.40
N SER C 123 47.62 -17.10 45.98
CA SER C 123 48.33 -16.10 46.78
C SER C 123 48.94 -14.94 45.96
N ASP C 124 48.94 -15.07 44.64
CA ASP C 124 49.50 -14.05 43.76
C ASP C 124 48.47 -12.97 43.41
N VAL C 125 47.20 -13.21 43.75
CA VAL C 125 46.10 -12.29 43.45
C VAL C 125 45.89 -11.28 44.58
N PRO C 126 45.75 -10.00 44.25
CA PRO C 126 45.47 -9.02 45.31
C PRO C 126 44.23 -9.40 46.09
N LYS C 127 44.31 -9.35 47.42
CA LYS C 127 43.22 -9.81 48.26
C LYS C 127 41.90 -9.08 47.97
N ALA C 128 41.99 -7.77 47.74
CA ALA C 128 40.80 -6.98 47.43
C ALA C 128 40.08 -7.49 46.20
N PHE C 129 40.84 -8.00 45.24
CA PHE C 129 40.22 -8.54 44.02
C PHE C 129 39.46 -9.82 44.29
N LEU C 130 40.04 -10.71 45.09
CA LEU C 130 39.31 -11.91 45.47
C LEU C 130 38.02 -11.54 46.20
N ASP C 131 38.09 -10.57 47.11
CA ASP C 131 36.90 -10.14 47.84
C ASP C 131 35.83 -9.58 46.90
N GLU C 132 36.25 -8.83 45.88
CA GLU C 132 35.27 -8.23 44.99
C GLU C 132 34.56 -9.29 44.15
N ILE C 133 35.29 -10.34 43.76
CA ILE C 133 34.67 -11.45 43.05
C ILE C 133 33.69 -12.19 43.97
N ALA C 134 34.14 -12.51 45.17
CA ALA C 134 33.27 -13.21 46.11
C ALA C 134 32.02 -12.39 46.45
N HIS C 135 32.18 -11.08 46.64
CA HIS C 135 31.03 -10.23 46.98
C HIS C 135 30.03 -10.22 45.83
N PHE C 136 30.53 -10.18 44.60
CA PHE C 136 29.66 -10.26 43.43
C PHE C 136 28.76 -11.51 43.45
N PHE C 137 29.37 -12.69 43.61
CA PHE C 137 28.58 -13.93 43.65
C PHE C 137 27.72 -14.08 44.91
N GLN C 138 28.10 -13.39 45.98
CA GLN C 138 27.30 -13.41 47.19
C GLN C 138 25.99 -12.65 47.03
N ARG C 139 26.02 -11.58 46.24
CA ARG C 139 24.88 -10.65 46.20
C ARG C 139 24.15 -10.53 44.86
N TYR C 140 24.73 -11.07 43.78
CA TYR C 140 24.17 -10.78 42.45
C TYR C 140 22.77 -11.32 42.20
N LYS C 141 22.34 -12.29 43.01
CA LYS C 141 20.98 -12.83 42.88
C LYS C 141 20.14 -12.53 44.11
N GLU C 142 20.59 -11.59 44.94
CA GLU C 142 19.84 -11.24 46.14
C GLU C 142 18.39 -10.78 45.85
N LEU C 143 18.20 -9.94 44.85
N LEU C 143 18.20 -9.93 44.85
CA LEU C 143 16.86 -9.46 44.52
CA LEU C 143 16.85 -9.46 44.51
C LEU C 143 15.99 -10.55 43.85
C LEU C 143 15.99 -10.55 43.87
N GLN C 144 16.62 -11.66 43.47
CA GLN C 144 15.87 -12.78 42.94
C GLN C 144 15.49 -13.72 44.09
N GLY C 145 15.88 -13.34 45.31
CA GLY C 145 15.53 -14.10 46.50
C GLY C 145 16.40 -15.31 46.74
N LYS C 146 17.49 -15.43 45.97
N LYS C 146 17.47 -15.43 45.96
CA LYS C 146 18.38 -16.58 46.10
CA LYS C 146 18.38 -16.56 46.10
C LYS C 146 19.55 -16.29 47.03
C LYS C 146 19.44 -16.24 47.14
N THR C 147 19.85 -17.26 47.88
CA THR C 147 20.95 -17.11 48.83
C THR C 147 22.13 -17.94 48.33
N THR C 148 23.31 -17.35 48.34
CA THR C 148 24.51 -18.09 47.97
C THR C 148 25.45 -18.03 49.15
N LYS C 149 26.20 -19.10 49.37
CA LYS C 149 27.18 -19.11 50.45
C LYS C 149 28.58 -19.25 49.87
N ILE C 150 29.43 -18.26 50.17
CA ILE C 150 30.83 -18.31 49.77
C ILE C 150 31.60 -19.04 50.85
N GLU C 151 32.28 -20.10 50.45
N GLU C 151 32.25 -20.13 50.45
CA GLU C 151 32.97 -20.97 51.41
CA GLU C 151 32.98 -20.96 51.40
C GLU C 151 34.49 -20.72 51.46
C GLU C 151 34.42 -20.49 51.56
N GLY C 152 35.00 -19.97 50.48
CA GLY C 152 36.40 -19.54 50.50
C GLY C 152 37.12 -19.86 49.21
N TRP C 153 38.44 -19.68 49.19
CA TRP C 153 39.24 -19.91 48.01
C TRP C 153 40.17 -21.10 48.20
N GLY C 154 40.29 -21.93 47.17
CA GLY C 154 41.26 -23.01 47.14
C GLY C 154 42.40 -22.65 46.22
N ASN C 155 43.53 -23.34 46.36
CA ASN C 155 44.73 -23.00 45.59
C ASN C 155 44.77 -23.68 44.24
N ALA C 156 45.84 -23.44 43.50
CA ALA C 156 46.00 -23.98 42.14
C ALA C 156 45.90 -25.50 42.10
N GLU C 157 46.55 -26.18 43.04
N GLU C 157 46.56 -26.18 43.03
CA GLU C 157 46.51 -27.64 43.05
CA GLU C 157 46.51 -27.64 43.08
C GLU C 157 45.07 -28.14 43.17
C GLU C 157 45.07 -28.13 43.18
N GLU C 158 44.30 -27.53 44.06
CA GLU C 158 42.90 -27.92 44.23
C GLU C 158 42.07 -27.66 42.97
N ALA C 159 42.30 -26.51 42.33
CA ALA C 159 41.61 -26.21 41.08
C ALA C 159 41.89 -27.31 40.06
N LYS C 160 43.15 -27.69 39.94
CA LYS C 160 43.54 -28.69 38.95
C LYS C 160 42.88 -30.05 39.23
N ARG C 161 42.80 -30.40 40.51
N ARG C 161 42.81 -30.43 40.50
N ARG C 161 42.84 -30.42 40.51
CA ARG C 161 42.15 -31.65 40.92
CA ARG C 161 42.14 -31.68 40.85
CA ARG C 161 42.14 -31.62 40.96
C ARG C 161 40.67 -31.66 40.53
C ARG C 161 40.66 -31.65 40.47
C ARG C 161 40.69 -31.63 40.47
N GLU C 162 40.00 -30.52 40.69
CA GLU C 162 38.59 -30.42 40.35
C GLU C 162 38.35 -30.43 38.85
N ILE C 163 39.30 -29.88 38.10
CA ILE C 163 39.19 -29.89 36.65
C ILE C 163 39.22 -31.35 36.15
N LEU C 164 40.15 -32.13 36.69
CA LEU C 164 40.24 -33.55 36.34
C LEU C 164 38.98 -34.31 36.72
N ARG C 165 38.39 -33.98 37.88
N ARG C 165 38.39 -33.98 37.88
CA ARG C 165 37.13 -34.58 38.28
CA ARG C 165 37.13 -34.59 38.27
C ARG C 165 36.03 -34.26 37.28
C ARG C 165 36.04 -34.26 37.26
N ALA C 166 35.99 -33.01 36.84
CA ALA C 166 34.94 -32.54 35.94
C ALA C 166 35.08 -33.16 34.55
N ILE C 167 36.31 -33.36 34.11
CA ILE C 167 36.55 -33.99 32.81
C ILE C 167 36.05 -35.46 32.85
N GLU C 168 36.34 -36.15 33.94
CA GLU C 168 35.88 -37.54 34.11
C GLU C 168 34.35 -37.63 34.18
N MET C 169 33.74 -36.73 34.93
N MET C 169 33.73 -36.70 34.91
CA MET C 169 32.28 -36.69 35.01
CA MET C 169 32.28 -36.66 35.03
C MET C 169 31.66 -36.57 33.63
C MET C 169 31.56 -36.36 33.72
N TYR C 170 32.25 -35.72 32.79
CA TYR C 170 31.70 -35.52 31.44
C TYR C 170 31.73 -36.83 30.66
N LYS C 171 32.85 -37.53 30.73
CA LYS C 171 33.03 -38.78 30.00
C LYS C 171 32.01 -39.83 30.40
N GLU C 172 31.65 -39.82 31.67
CA GLU C 172 30.71 -40.80 32.20
C GLU C 172 29.27 -40.48 31.82
N LYS C 173 28.96 -39.19 31.71
CA LYS C 173 27.59 -38.79 31.38
C LYS C 173 27.28 -38.83 29.89
N PHE C 174 28.26 -38.50 29.04
CA PHE C 174 28.03 -38.43 27.61
C PHE C 174 28.72 -39.53 26.80
N GLY C 175 29.99 -39.77 27.10
CA GLY C 175 30.76 -40.79 26.40
C GLY C 175 30.06 -42.13 26.37
N MET D 1 -31.92 -1.63 -20.07
CA MET D 1 -33.18 -2.34 -20.22
C MET D 1 -33.02 -3.83 -20.01
N ASN D 2 -32.93 -4.27 -18.75
CA ASN D 2 -32.87 -3.40 -17.59
C ASN D 2 -31.41 -3.36 -17.12
N PRO D 3 -30.84 -2.15 -16.98
CA PRO D 3 -29.42 -2.02 -16.61
C PRO D 3 -29.09 -2.74 -15.30
N PHE D 4 -30.06 -2.81 -14.40
CA PHE D 4 -29.87 -3.48 -13.12
C PHE D 4 -29.47 -4.96 -13.27
N HIS D 5 -30.06 -5.64 -14.25
CA HIS D 5 -29.81 -7.05 -14.51
C HIS D 5 -28.66 -7.28 -15.50
N GLU D 6 -28.44 -6.32 -16.39
CA GLU D 6 -27.51 -6.53 -17.48
C GLU D 6 -26.06 -6.21 -17.13
N LEU D 7 -25.84 -5.23 -16.25
CA LEU D 7 -24.50 -4.84 -15.85
C LEU D 7 -23.94 -5.74 -14.76
N GLU D 8 -22.63 -5.98 -14.79
N GLU D 8 -22.63 -5.97 -14.79
CA GLU D 8 -21.96 -6.68 -13.70
CA GLU D 8 -21.95 -6.65 -13.70
C GLU D 8 -21.91 -5.75 -12.49
C GLU D 8 -21.98 -5.74 -12.47
N PRO D 9 -21.76 -6.31 -11.29
CA PRO D 9 -21.73 -5.49 -10.07
C PRO D 9 -20.51 -4.58 -10.03
N GLY D 10 -19.46 -4.92 -10.75
CA GLY D 10 -18.29 -4.07 -10.80
C GLY D 10 -17.15 -4.72 -11.57
N PRO D 11 -16.11 -3.96 -11.91
CA PRO D 11 -14.99 -4.53 -12.65
C PRO D 11 -13.95 -5.22 -11.77
N GLU D 12 -13.96 -4.91 -10.47
N GLU D 12 -13.97 -4.91 -10.48
CA GLU D 12 -13.01 -5.52 -9.55
CA GLU D 12 -13.00 -5.51 -9.55
C GLU D 12 -13.59 -5.58 -8.14
C GLU D 12 -13.60 -5.56 -8.14
N VAL D 13 -14.67 -6.31 -8.00
CA VAL D 13 -15.41 -6.35 -6.73
C VAL D 13 -14.58 -7.07 -5.68
N PRO D 14 -14.66 -6.59 -4.43
CA PRO D 14 -15.47 -5.45 -3.98
C PRO D 14 -14.66 -4.15 -3.89
N GLU D 15 -13.44 -4.11 -4.42
CA GLU D 15 -12.60 -2.91 -4.30
C GLU D 15 -13.11 -1.78 -5.18
N VAL D 16 -13.59 -2.16 -6.37
CA VAL D 16 -14.20 -1.21 -7.30
C VAL D 16 -15.52 -1.79 -7.77
N VAL D 17 -16.62 -1.07 -7.52
CA VAL D 17 -17.92 -1.54 -7.96
C VAL D 17 -18.52 -0.54 -8.96
N TYR D 18 -19.56 -0.93 -9.68
CA TYR D 18 -20.29 0.03 -10.50
C TYR D 18 -21.42 0.64 -9.67
N ALA D 19 -21.53 1.97 -9.70
CA ALA D 19 -22.71 2.65 -9.17
C ALA D 19 -23.53 3.11 -10.36
N LEU D 20 -24.78 2.65 -10.44
CA LEU D 20 -25.69 3.15 -11.48
C LEU D 20 -26.53 4.25 -10.86
N ILE D 21 -26.25 5.50 -11.25
CA ILE D 21 -26.83 6.64 -10.54
C ILE D 21 -28.28 6.83 -10.96
N GLU D 22 -29.16 7.00 -9.98
CA GLU D 22 -30.56 7.31 -10.24
C GLU D 22 -30.90 8.76 -9.90
N ILE D 23 -30.26 9.29 -8.86
CA ILE D 23 -30.55 10.65 -8.40
C ILE D 23 -29.28 11.45 -8.20
N PRO D 24 -29.11 12.50 -9.01
CA PRO D 24 -27.96 13.40 -8.84
CA PRO D 24 -27.97 13.41 -8.84
C PRO D 24 -28.07 14.21 -7.55
N LYS D 25 -26.94 14.54 -6.96
CA LYS D 25 -26.92 15.43 -5.81
CA LYS D 25 -26.90 15.44 -5.82
C LYS D 25 -27.63 16.73 -6.17
N GLY D 26 -28.44 17.24 -5.26
CA GLY D 26 -29.10 18.53 -5.47
C GLY D 26 -30.55 18.37 -5.90
N SER D 27 -30.96 17.13 -6.14
N SER D 27 -30.96 17.13 -6.19
CA SER D 27 -32.32 16.84 -6.57
CA SER D 27 -32.34 16.86 -6.61
C SER D 27 -33.30 16.77 -5.41
C SER D 27 -33.30 16.77 -5.44
N ARG D 28 -34.48 17.38 -5.58
CA ARG D 28 -35.57 17.18 -4.65
C ARG D 28 -36.50 16.07 -5.18
N ASN D 29 -36.43 15.83 -6.49
CA ASN D 29 -37.19 14.73 -7.09
C ASN D 29 -36.50 13.41 -6.78
N LYS D 30 -37.26 12.43 -6.28
CA LYS D 30 -36.72 11.10 -5.99
C LYS D 30 -37.04 10.19 -7.17
N TYR D 31 -36.01 9.72 -7.87
CA TYR D 31 -36.19 8.84 -9.01
C TYR D 31 -35.86 7.40 -8.67
N GLU D 32 -36.44 6.48 -9.42
N GLU D 32 -36.43 6.47 -9.42
N GLU D 32 -36.47 6.47 -9.39
CA GLU D 32 -36.16 5.06 -9.28
CA GLU D 32 -36.22 5.03 -9.25
CA GLU D 32 -36.10 5.07 -9.30
C GLU D 32 -36.14 4.46 -10.67
C GLU D 32 -36.39 4.31 -10.58
C GLU D 32 -36.03 4.50 -10.70
N LEU D 33 -35.63 3.24 -10.80
CA LEU D 33 -35.66 2.53 -12.07
C LEU D 33 -37.01 1.80 -12.20
N ASP D 34 -37.68 1.97 -13.34
CA ASP D 34 -38.92 1.25 -13.59
C ASP D 34 -38.59 -0.24 -13.67
N LYS D 35 -39.35 -1.06 -12.95
CA LYS D 35 -39.04 -2.49 -12.84
C LYS D 35 -38.91 -3.16 -14.20
N LYS D 36 -39.96 -3.08 -15.00
CA LYS D 36 -40.02 -3.81 -16.26
C LYS D 36 -39.09 -3.24 -17.35
N THR D 37 -39.06 -1.92 -17.48
CA THR D 37 -38.41 -1.31 -18.63
C THR D 37 -36.98 -0.84 -18.37
N GLY D 38 -36.70 -0.43 -17.14
CA GLY D 38 -35.39 0.09 -16.81
C GLY D 38 -35.26 1.56 -17.11
N LEU D 39 -36.38 2.20 -17.43
CA LEU D 39 -36.37 3.64 -17.66
C LEU D 39 -36.41 4.34 -16.31
N LEU D 40 -35.97 5.58 -16.29
CA LEU D 40 -36.04 6.37 -15.07
C LEU D 40 -37.50 6.70 -14.81
N LYS D 41 -37.91 6.62 -13.54
N LYS D 41 -37.90 6.63 -13.54
CA LYS D 41 -39.28 6.95 -13.18
CA LYS D 41 -39.27 6.93 -13.15
C LYS D 41 -39.29 7.84 -11.95
C LYS D 41 -39.28 7.84 -11.93
N LEU D 42 -40.21 8.80 -11.90
CA LEU D 42 -40.36 9.63 -10.70
C LEU D 42 -41.05 8.77 -9.65
N ASP D 43 -40.38 8.54 -8.52
CA ASP D 43 -40.99 7.84 -7.39
C ASP D 43 -41.87 8.82 -6.63
N ARG D 44 -41.27 9.93 -6.20
CA ARG D 44 -42.05 10.98 -5.58
C ARG D 44 -41.26 12.28 -5.55
N VAL D 45 -41.94 13.37 -5.24
CA VAL D 45 -41.26 14.60 -4.92
C VAL D 45 -41.14 14.62 -3.39
N LEU D 46 -39.94 14.83 -2.85
CA LEU D 46 -39.81 14.86 -1.40
C LEU D 46 -40.76 15.90 -0.81
N TYR D 47 -41.39 15.56 0.31
CA TYR D 47 -42.40 16.42 0.92
C TYR D 47 -41.83 17.64 1.60
N SER D 48 -40.54 17.61 1.86
CA SER D 48 -39.84 18.72 2.50
C SER D 48 -38.81 19.29 1.53
N PRO D 49 -38.38 20.54 1.74
CA PRO D 49 -37.39 21.18 0.86
C PRO D 49 -35.97 20.70 1.19
N PHE D 50 -35.75 19.40 1.06
N PHE D 50 -35.78 19.39 1.08
CA PHE D 50 -34.43 18.82 1.23
CA PHE D 50 -34.49 18.72 1.18
C PHE D 50 -33.96 18.33 -0.14
C PHE D 50 -33.94 18.52 -0.23
N PHE D 51 -32.64 18.28 -0.33
CA PHE D 51 -32.07 17.77 -1.57
C PHE D 51 -31.14 16.62 -1.26
N TYR D 52 -31.04 15.67 -2.18
CA TYR D 52 -30.11 14.57 -2.03
C TYR D 52 -28.68 15.10 -1.89
N PRO D 53 -27.98 14.73 -0.80
CA PRO D 53 -26.67 15.34 -0.54
C PRO D 53 -25.54 14.65 -1.28
N VAL D 54 -25.87 13.55 -1.97
CA VAL D 54 -24.89 12.75 -2.68
C VAL D 54 -25.56 12.26 -3.95
N ASP D 55 -24.75 11.86 -4.94
N ASP D 55 -24.75 11.80 -4.92
CA ASP D 55 -25.29 11.16 -6.09
CA ASP D 55 -25.26 11.14 -6.11
C ASP D 55 -25.70 9.78 -5.60
C ASP D 55 -25.64 9.69 -5.77
N TYR D 56 -26.92 9.37 -5.93
CA TYR D 56 -27.51 8.19 -5.30
C TYR D 56 -27.94 7.16 -6.33
N GLY D 57 -27.66 5.90 -6.04
CA GLY D 57 -28.03 4.88 -7.00
C GLY D 57 -27.97 3.47 -6.44
N ILE D 58 -27.75 2.51 -7.33
CA ILE D 58 -27.73 1.10 -6.93
C ILE D 58 -26.53 0.41 -7.55
N ILE D 59 -26.14 -0.71 -6.94
CA ILE D 59 -25.11 -1.56 -7.50
C ILE D 59 -25.81 -2.64 -8.31
N PRO D 60 -25.49 -2.76 -9.60
CA PRO D 60 -26.17 -3.74 -10.44
C PRO D 60 -25.95 -5.16 -9.93
N GLN D 61 -26.93 -6.03 -10.20
CA GLN D 61 -26.84 -7.44 -9.83
C GLN D 61 -26.56 -7.67 -8.36
N THR D 62 -27.24 -6.90 -7.50
CA THR D 62 -27.19 -7.12 -6.07
C THR D 62 -28.59 -7.22 -5.51
N TRP D 63 -28.71 -7.80 -4.33
CA TRP D 63 -29.98 -7.92 -3.66
C TRP D 63 -29.68 -7.92 -2.19
N TYR D 64 -30.42 -7.12 -1.43
CA TYR D 64 -30.10 -6.97 -0.03
C TYR D 64 -31.21 -7.49 0.88
N ASP D 65 -30.92 -7.52 2.17
CA ASP D 65 -31.85 -8.08 3.17
C ASP D 65 -33.23 -7.45 3.12
N ASP D 66 -33.33 -6.23 2.59
CA ASP D 66 -34.61 -5.53 2.54
C ASP D 66 -35.35 -5.74 1.22
N GLY D 67 -34.99 -6.80 0.51
CA GLY D 67 -35.68 -7.17 -0.73
C GLY D 67 -35.59 -6.15 -1.86
N ASP D 68 -34.42 -5.53 -1.98
CA ASP D 68 -34.19 -4.50 -3.00
C ASP D 68 -32.73 -4.54 -3.44
N PRO D 69 -32.43 -3.98 -4.61
CA PRO D 69 -31.02 -3.77 -4.99
C PRO D 69 -30.26 -3.04 -3.89
N PHE D 70 -28.97 -3.28 -3.76
CA PHE D 70 -28.18 -2.66 -2.72
C PHE D 70 -27.90 -1.18 -3.09
N ASP D 71 -28.24 -0.26 -2.21
CA ASP D 71 -28.08 1.19 -2.48
C ASP D 71 -26.64 1.66 -2.32
N ILE D 72 -26.24 2.62 -3.16
CA ILE D 72 -24.90 3.18 -3.03
C ILE D 72 -24.95 4.70 -3.17
N MET D 73 -24.19 5.40 -2.34
CA MET D 73 -24.10 6.86 -2.39
C MET D 73 -22.69 7.19 -2.85
N VAL D 74 -22.57 7.99 -3.90
CA VAL D 74 -21.24 8.34 -4.42
C VAL D 74 -21.04 9.83 -4.21
N ILE D 75 -19.93 10.20 -3.57
CA ILE D 75 -19.61 11.62 -3.41
C ILE D 75 -19.00 12.17 -4.70
N MET D 76 -19.74 13.04 -5.38
CA MET D 76 -19.23 13.67 -6.61
C MET D 76 -19.15 15.18 -6.41
N ARG D 77 -18.08 15.78 -6.91
CA ARG D 77 -17.96 17.25 -6.90
C ARG D 77 -18.95 17.90 -7.85
N GLU D 78 -19.06 17.37 -9.07
CA GLU D 78 -20.05 17.81 -10.05
C GLU D 78 -20.99 16.62 -10.28
N PRO D 79 -22.29 16.80 -10.02
CA PRO D 79 -23.22 15.67 -10.12
C PRO D 79 -23.27 15.11 -11.52
N VAL D 80 -23.59 13.82 -11.64
CA VAL D 80 -23.73 13.22 -12.97
C VAL D 80 -25.20 13.20 -13.37
N TYR D 81 -25.50 12.69 -14.56
CA TYR D 81 -26.87 12.56 -15.02
C TYR D 81 -27.42 11.22 -14.57
N PRO D 82 -28.74 11.10 -14.42
CA PRO D 82 -29.27 9.78 -14.09
C PRO D 82 -28.91 8.76 -15.17
N LEU D 83 -28.80 7.50 -14.73
CA LEU D 83 -28.42 6.35 -15.57
C LEU D 83 -26.95 6.39 -16.00
N THR D 84 -26.15 7.15 -15.29
CA THR D 84 -24.71 7.19 -15.57
C THR D 84 -24.01 6.17 -14.69
N ILE D 85 -23.09 5.41 -15.26
CA ILE D 85 -22.31 4.44 -14.49
C ILE D 85 -21.05 5.11 -13.94
N ILE D 86 -20.79 4.93 -12.65
CA ILE D 86 -19.58 5.43 -12.03
C ILE D 86 -18.79 4.28 -11.41
N GLU D 87 -17.49 4.18 -11.74
CA GLU D 87 -16.62 3.25 -11.03
C GLU D 87 -16.27 3.83 -9.67
N ALA D 88 -16.66 3.13 -8.62
CA ALA D 88 -16.65 3.67 -7.27
C ALA D 88 -15.93 2.75 -6.31
N ARG D 89 -15.23 3.36 -5.36
CA ARG D 89 -14.52 2.64 -4.30
C ARG D 89 -15.31 2.76 -2.99
N PRO D 90 -15.77 1.63 -2.46
CA PRO D 90 -16.51 1.69 -1.19
C PRO D 90 -15.59 2.16 -0.05
N ILE D 91 -16.05 3.12 0.75
CA ILE D 91 -15.25 3.56 1.90
C ILE D 91 -15.99 3.43 3.23
N GLY D 92 -17.25 3.03 3.19
CA GLY D 92 -18.01 2.87 4.43
C GLY D 92 -19.42 2.47 4.15
N ILE D 93 -20.22 2.38 5.20
CA ILE D 93 -21.58 1.95 5.05
C ILE D 93 -22.45 2.61 6.12
N MET D 94 -23.61 3.13 5.71
CA MET D 94 -24.52 3.74 6.67
C MET D 94 -25.53 2.72 7.11
N LYS D 95 -25.59 2.49 8.42
CA LYS D 95 -26.52 1.51 8.98
C LYS D 95 -27.78 2.23 9.41
N MET D 96 -28.89 1.92 8.76
CA MET D 96 -30.18 2.50 9.14
C MET D 96 -31.30 1.50 8.94
N GLU D 97 -32.36 1.67 9.72
CA GLU D 97 -33.57 0.87 9.54
C GLU D 97 -34.72 1.76 9.12
N ASP D 98 -35.52 1.28 8.19
CA ASP D 98 -36.69 2.01 7.74
C ASP D 98 -37.91 1.12 7.90
N SER D 99 -38.71 1.41 8.92
CA SER D 99 -39.92 0.64 9.20
C SER D 99 -39.60 -0.84 9.36
N GLY D 100 -38.56 -1.15 10.15
CA GLY D 100 -38.18 -2.52 10.39
C GLY D 100 -37.28 -3.15 9.33
N ASP D 101 -37.13 -2.48 8.19
CA ASP D 101 -36.28 -2.98 7.11
C ASP D 101 -34.83 -2.58 7.31
N LYS D 102 -33.92 -3.51 7.05
CA LYS D 102 -32.49 -3.23 7.08
C LYS D 102 -32.12 -2.52 5.78
N ASP D 103 -32.04 -1.20 5.83
CA ASP D 103 -31.92 -0.36 4.64
C ASP D 103 -30.53 0.29 4.56
N TRP D 104 -29.49 -0.50 4.77
CA TRP D 104 -28.13 0.01 4.76
C TRP D 104 -27.70 0.49 3.37
N LYS D 105 -26.78 1.46 3.36
CA LYS D 105 -26.36 2.06 2.10
C LYS D 105 -24.86 2.24 2.07
N VAL D 106 -24.24 1.80 0.97
CA VAL D 106 -22.80 1.94 0.82
C VAL D 106 -22.43 3.40 0.57
N LEU D 107 -21.35 3.87 1.19
CA LEU D 107 -20.78 5.19 0.86
C LEU D 107 -19.51 4.99 0.05
N ALA D 108 -19.36 5.72 -1.05
CA ALA D 108 -18.26 5.44 -1.98
C ALA D 108 -17.74 6.72 -2.61
N VAL D 109 -16.53 6.65 -3.16
CA VAL D 109 -15.97 7.78 -3.90
C VAL D 109 -15.62 7.35 -5.30
N PRO D 110 -15.59 8.30 -6.24
CA PRO D 110 -15.27 7.89 -7.60
C PRO D 110 -13.78 7.57 -7.75
N VAL D 111 -13.49 6.49 -8.44
CA VAL D 111 -12.10 6.11 -8.68
C VAL D 111 -11.38 7.15 -9.53
N GLU D 112 -12.11 7.77 -10.47
CA GLU D 112 -11.48 8.65 -11.46
C GLU D 112 -11.60 10.15 -11.16
N ASP D 113 -11.71 10.51 -9.89
CA ASP D 113 -11.53 11.90 -9.48
C ASP D 113 -10.35 11.94 -8.50
N PRO D 114 -9.25 12.58 -8.89
CA PRO D 114 -8.06 12.51 -8.03
C PRO D 114 -8.25 13.26 -6.71
N TYR D 115 -9.26 14.13 -6.65
CA TYR D 115 -9.59 14.79 -5.39
C TYR D 115 -9.71 13.80 -4.23
N PHE D 116 -10.24 12.61 -4.53
CA PHE D 116 -10.54 11.61 -3.51
C PHE D 116 -9.51 10.50 -3.40
N ASN D 117 -8.33 10.71 -3.98
CA ASN D 117 -7.33 9.64 -4.02
C ASN D 117 -6.96 9.13 -2.62
N ASP D 118 -7.04 10.00 -1.62
CA ASP D 118 -6.66 9.60 -0.27
C ASP D 118 -7.84 9.30 0.64
N TRP D 119 -9.04 9.23 0.09
CA TRP D 119 -10.20 8.80 0.87
C TRP D 119 -10.32 7.29 0.69
N LYS D 120 -10.00 6.54 1.73
CA LYS D 120 -10.05 5.08 1.64
C LYS D 120 -10.89 4.41 2.73
N ASP D 121 -11.30 5.18 3.73
N ASP D 121 -11.28 5.19 3.74
CA ASP D 121 -12.09 4.63 4.82
CA ASP D 121 -12.06 4.65 4.85
C ASP D 121 -12.97 5.71 5.43
C ASP D 121 -13.08 5.68 5.31
N ILE D 122 -13.95 5.29 6.23
CA ILE D 122 -14.96 6.18 6.76
C ILE D 122 -14.35 7.31 7.57
N SER D 123 -13.17 7.09 8.12
CA SER D 123 -12.51 8.09 8.94
C SER D 123 -11.90 9.23 8.13
N ASP D 124 -11.88 9.11 6.80
CA ASP D 124 -11.35 10.17 5.96
C ASP D 124 -12.40 11.23 5.63
N VAL D 125 -13.66 10.95 5.96
CA VAL D 125 -14.76 11.86 5.62
C VAL D 125 -14.99 12.86 6.75
N PRO D 126 -15.14 14.16 6.41
CA PRO D 126 -15.39 15.11 7.51
C PRO D 126 -16.64 14.73 8.29
N LYS D 127 -16.56 14.80 9.61
N LYS D 127 -16.57 14.78 9.61
CA LYS D 127 -17.64 14.40 10.49
CA LYS D 127 -17.70 14.33 10.43
C LYS D 127 -18.96 15.10 10.17
C LYS D 127 -18.99 15.08 10.11
N ALA D 128 -18.89 16.38 9.87
CA ALA D 128 -20.11 17.17 9.58
C ALA D 128 -20.83 16.64 8.34
N PHE D 129 -20.08 16.11 7.38
CA PHE D 129 -20.69 15.58 6.16
C PHE D 129 -21.43 14.29 6.43
N LEU D 130 -20.84 13.42 7.23
CA LEU D 130 -21.55 12.21 7.64
C LEU D 130 -22.83 12.57 8.39
N ASP D 131 -22.75 13.55 9.27
CA ASP D 131 -23.93 14.00 10.01
C ASP D 131 -25.02 14.50 9.06
N GLU D 132 -24.62 15.25 8.05
CA GLU D 132 -25.60 15.83 7.13
C GLU D 132 -26.31 14.74 6.31
N ILE D 133 -25.56 13.71 5.93
CA ILE D 133 -26.17 12.59 5.22
C ILE D 133 -27.15 11.84 6.12
N ALA D 134 -26.71 11.52 7.34
CA ALA D 134 -27.59 10.84 8.30
C ALA D 134 -28.87 11.63 8.61
N HIS D 135 -28.72 12.94 8.82
CA HIS D 135 -29.88 13.79 9.14
C HIS D 135 -30.87 13.81 7.97
N PHE D 136 -30.36 13.85 6.75
CA PHE D 136 -31.21 13.77 5.58
C PHE D 136 -32.08 12.51 5.65
N PHE D 137 -31.44 11.36 5.86
CA PHE D 137 -32.20 10.10 5.86
C PHE D 137 -33.07 9.97 7.09
N GLN D 138 -32.69 10.64 8.17
CA GLN D 138 -33.50 10.59 9.38
C GLN D 138 -34.83 11.31 9.18
N ARG D 139 -34.81 12.39 8.40
CA ARG D 139 -35.96 13.31 8.36
C ARG D 139 -36.70 13.40 7.03
N TYR D 140 -36.12 12.84 5.96
CA TYR D 140 -36.67 13.16 4.63
C TYR D 140 -38.09 12.63 4.41
N LYS D 141 -38.50 11.65 5.21
CA LYS D 141 -39.86 11.11 5.08
C LYS D 141 -40.73 11.46 6.28
N GLU D 142 -40.29 12.39 7.11
CA GLU D 142 -41.04 12.72 8.32
C GLU D 142 -42.47 13.20 8.02
N LEU D 143 -42.65 14.00 6.99
CA LEU D 143 -44.00 14.48 6.68
C LEU D 143 -44.87 13.38 6.09
N GLN D 144 -44.24 12.27 5.72
CA GLN D 144 -45.01 11.10 5.26
C GLN D 144 -45.34 10.17 6.42
N GLY D 145 -45.02 10.61 7.64
CA GLY D 145 -45.25 9.82 8.85
C GLY D 145 -44.39 8.58 8.97
N LYS D 146 -43.10 8.64 8.66
N LYS D 146 -43.16 8.72 8.51
CA LYS D 146 -42.35 7.37 8.53
CA LYS D 146 -42.18 7.65 8.47
C LYS D 146 -41.43 6.88 9.67
C LYS D 146 -40.88 8.05 9.15
N THR D 147 -40.86 7.81 10.44
CA THR D 147 -39.65 7.60 11.24
C THR D 147 -38.66 6.54 10.71
N THR D 148 -37.39 6.94 10.57
CA THR D 148 -36.33 6.00 10.27
C THR D 148 -35.30 6.04 11.39
N LYS D 149 -34.51 4.99 11.52
CA LYS D 149 -33.56 4.88 12.60
C LYS D 149 -32.13 4.82 12.05
N ILE D 150 -31.28 5.76 12.46
CA ILE D 150 -29.89 5.76 12.02
C ILE D 150 -29.03 5.13 13.10
N GLU D 151 -28.43 4.00 12.79
CA GLU D 151 -27.67 3.26 13.81
C GLU D 151 -26.19 3.61 13.85
N GLY D 152 -25.65 4.11 12.74
CA GLY D 152 -24.26 4.53 12.72
C GLY D 152 -23.57 4.22 11.40
N TRP D 153 -22.24 4.29 11.42
CA TRP D 153 -21.44 4.10 10.22
C TRP D 153 -20.46 2.96 10.41
N GLY D 154 -20.36 2.09 9.42
CA GLY D 154 -19.36 1.03 9.42
C GLY D 154 -18.22 1.41 8.49
N ASN D 155 -17.07 0.76 8.65
CA ASN D 155 -15.89 1.11 7.86
C ASN D 155 -15.85 0.42 6.49
N ALA D 156 -14.79 0.67 5.73
CA ALA D 156 -14.65 0.12 4.38
C ALA D 156 -14.67 -1.41 4.34
N GLU D 157 -14.02 -2.04 5.31
CA GLU D 157 -13.99 -3.49 5.36
C GLU D 157 -15.39 -4.04 5.52
N GLU D 158 -16.17 -3.45 6.44
CA GLU D 158 -17.56 -3.87 6.61
C GLU D 158 -18.41 -3.67 5.34
N ALA D 159 -18.26 -2.53 4.69
CA ALA D 159 -19.00 -2.27 3.46
C ALA D 159 -18.68 -3.34 2.39
N LYS D 160 -17.41 -3.69 2.27
CA LYS D 160 -17.00 -4.65 1.26
C LYS D 160 -17.58 -6.03 1.52
N ARG D 161 -17.62 -6.46 2.78
N ARG D 161 -17.63 -6.44 2.78
CA ARG D 161 -18.26 -7.73 3.10
CA ARG D 161 -18.24 -7.72 3.12
C ARG D 161 -19.73 -7.71 2.74
C ARG D 161 -19.74 -7.73 2.83
N GLU D 162 -20.41 -6.60 3.03
CA GLU D 162 -21.82 -6.49 2.73
C GLU D 162 -22.07 -6.52 1.21
N ILE D 163 -21.17 -5.92 0.44
CA ILE D 163 -21.32 -5.94 -1.02
C ILE D 163 -21.24 -7.38 -1.50
N LEU D 164 -20.27 -8.13 -1.00
CA LEU D 164 -20.15 -9.55 -1.38
C LEU D 164 -21.38 -10.36 -1.00
N ARG D 165 -21.94 -10.12 0.19
CA ARG D 165 -23.20 -10.75 0.58
C ARG D 165 -24.31 -10.45 -0.42
N ALA D 166 -24.37 -9.20 -0.88
CA ALA D 166 -25.47 -8.76 -1.70
C ALA D 166 -25.37 -9.37 -3.10
N ILE D 167 -24.14 -9.52 -3.57
CA ILE D 167 -23.91 -10.12 -4.88
C ILE D 167 -24.38 -11.57 -4.86
N GLU D 168 -24.08 -12.25 -3.75
CA GLU D 168 -24.51 -13.63 -3.57
C GLU D 168 -26.02 -13.78 -3.45
N MET D 169 -26.63 -12.93 -2.63
CA MET D 169 -28.09 -12.96 -2.51
C MET D 169 -28.78 -12.74 -3.86
N TYR D 170 -28.17 -11.96 -4.73
CA TYR D 170 -28.73 -11.76 -6.06
C TYR D 170 -28.67 -13.06 -6.88
N LYS D 171 -27.53 -13.75 -6.81
CA LYS D 171 -27.36 -15.01 -7.54
C LYS D 171 -28.36 -16.07 -7.09
N GLU D 172 -28.70 -16.07 -5.79
CA GLU D 172 -29.63 -17.04 -5.24
C GLU D 172 -31.05 -16.74 -5.72
N LYS D 173 -31.45 -15.48 -5.63
CA LYS D 173 -32.79 -15.08 -6.03
C LYS D 173 -33.00 -15.13 -7.53
N PHE D 174 -31.98 -14.72 -8.29
CA PHE D 174 -32.03 -14.75 -9.75
C PHE D 174 -30.92 -15.63 -10.32
N GLY D 175 -31.19 -16.24 -11.48
N GLY D 175 -31.01 -16.94 -10.16
CA GLY D 175 -32.47 -16.10 -12.14
CA GLY D 175 -32.11 -17.57 -9.46
C GLY D 175 -32.43 -15.11 -13.29
C GLY D 175 -31.90 -19.06 -9.30
N ASN E 2 34.33 -24.38 9.03
CA ASN E 2 35.31 -23.30 9.09
C ASN E 2 35.12 -22.29 7.96
N PRO E 3 34.80 -21.04 8.32
CA PRO E 3 34.47 -19.98 7.35
C PRO E 3 35.59 -19.76 6.34
N PHE E 4 36.80 -20.08 6.72
CA PHE E 4 37.94 -19.90 5.82
C PHE E 4 37.83 -20.75 4.57
N HIS E 5 37.29 -21.96 4.72
CA HIS E 5 37.16 -22.91 3.61
C HIS E 5 35.83 -22.80 2.86
N GLU E 6 34.75 -22.45 3.55
CA GLU E 6 33.42 -22.49 2.94
C GLU E 6 33.07 -21.26 2.07
N LEU E 7 33.66 -20.12 2.39
CA LEU E 7 33.38 -18.89 1.65
C LEU E 7 34.26 -18.72 0.43
N GLU E 8 33.67 -18.21 -0.65
N GLU E 8 33.66 -18.20 -0.64
CA GLU E 8 34.42 -17.85 -1.84
CA GLU E 8 34.40 -17.85 -1.84
C GLU E 8 35.33 -16.66 -1.54
C GLU E 8 35.32 -16.64 -1.56
N PRO E 9 36.39 -16.47 -2.35
CA PRO E 9 37.30 -15.34 -2.12
C PRO E 9 36.63 -13.98 -2.32
N GLY E 10 35.61 -13.93 -3.17
CA GLY E 10 34.90 -12.68 -3.41
C GLY E 10 33.80 -12.78 -4.45
N PRO E 11 32.90 -11.79 -4.48
CA PRO E 11 31.80 -11.74 -5.45
C PRO E 11 32.26 -11.27 -6.83
N GLU E 12 33.39 -10.57 -6.89
CA GLU E 12 33.92 -10.07 -8.17
C GLU E 12 35.46 -9.92 -8.10
N VAL E 13 36.15 -11.04 -7.93
CA VAL E 13 37.62 -11.00 -7.80
C VAL E 13 38.28 -10.51 -9.08
N PRO E 14 39.36 -9.71 -8.95
CA PRO E 14 39.89 -9.25 -7.66
C PRO E 14 39.44 -7.83 -7.32
N GLU E 15 38.43 -7.32 -8.02
CA GLU E 15 37.97 -5.95 -7.81
C GLU E 15 37.22 -5.81 -6.48
N VAL E 16 36.51 -6.87 -6.11
CA VAL E 16 35.78 -6.89 -4.86
C VAL E 16 36.02 -8.25 -4.25
N VAL E 17 36.59 -8.28 -3.05
CA VAL E 17 36.83 -9.53 -2.34
C VAL E 17 36.05 -9.53 -1.02
N TYR E 18 35.94 -10.70 -0.39
CA TYR E 18 35.39 -10.78 0.95
C TYR E 18 36.54 -10.65 1.94
N ALA E 19 36.33 -9.86 2.98
CA ALA E 19 37.25 -9.85 4.11
C ALA E 19 36.51 -10.46 5.28
N LEU E 20 37.09 -11.50 5.86
CA LEU E 20 36.54 -12.11 7.07
C LEU E 20 37.29 -11.53 8.26
N ILE E 21 36.63 -10.67 9.02
CA ILE E 21 37.33 -9.87 10.02
C ILE E 21 37.59 -10.70 11.27
N GLU E 22 38.84 -10.64 11.75
CA GLU E 22 39.22 -11.29 13.00
C GLU E 22 39.40 -10.28 14.13
N ILE E 23 39.94 -9.10 13.80
CA ILE E 23 40.29 -8.14 14.83
C ILE E 23 39.72 -6.77 14.47
N PRO E 24 38.80 -6.26 15.28
CA PRO E 24 38.26 -4.91 15.00
C PRO E 24 39.28 -3.83 15.33
N LYS E 25 39.19 -2.71 14.63
N LYS E 25 39.20 -2.71 14.62
CA LYS E 25 40.02 -1.56 14.93
CA LYS E 25 40.04 -1.57 14.93
C LYS E 25 39.88 -1.17 16.40
C LYS E 25 39.89 -1.21 16.40
N GLY E 26 40.99 -0.85 17.05
CA GLY E 26 40.97 -0.45 18.45
C GLY E 26 41.24 -1.56 19.44
N SER E 27 41.41 -2.78 18.95
N SER E 27 41.39 -2.79 18.96
CA SER E 27 41.70 -3.94 19.80
CA SER E 27 41.68 -3.92 19.86
C SER E 27 43.18 -4.00 20.17
C SER E 27 43.17 -4.02 20.18
N ARG E 28 43.47 -4.34 21.43
CA ARG E 28 44.83 -4.70 21.81
C ARG E 28 44.97 -6.23 21.83
N ASN E 29 43.83 -6.92 21.91
CA ASN E 29 43.84 -8.37 21.85
C ASN E 29 44.00 -8.81 20.40
N LYS E 30 44.91 -9.74 20.15
CA LYS E 30 45.11 -10.27 18.80
C LYS E 30 44.37 -11.60 18.71
N TYR E 31 43.36 -11.66 17.86
CA TYR E 31 42.54 -12.84 17.68
C TYR E 31 42.90 -13.56 16.38
N GLU E 32 42.68 -14.87 16.37
CA GLU E 32 42.80 -15.66 15.16
CA GLU E 32 42.81 -15.66 15.15
C GLU E 32 41.66 -16.66 15.11
N LEU E 33 41.49 -17.33 13.98
CA LEU E 33 40.51 -18.41 13.86
C LEU E 33 41.12 -19.72 14.33
N ASP E 34 40.41 -20.46 15.17
CA ASP E 34 40.84 -21.81 15.51
C ASP E 34 40.69 -22.67 14.24
N LYS E 35 41.75 -23.37 13.85
N LYS E 35 41.76 -23.34 13.86
CA LYS E 35 41.68 -24.10 12.58
CA LYS E 35 41.77 -24.15 12.63
C LYS E 35 40.78 -25.34 12.62
C LYS E 35 40.72 -25.27 12.68
N LYS E 36 40.71 -25.99 13.77
CA LYS E 36 39.83 -27.14 13.93
C LYS E 36 38.35 -26.72 13.87
N THR E 37 37.96 -25.73 14.67
CA THR E 37 36.55 -25.43 14.88
C THR E 37 36.07 -24.16 14.18
N GLY E 38 36.99 -23.27 13.84
CA GLY E 38 36.63 -22.01 13.22
C GLY E 38 36.10 -20.98 14.21
N LEU E 39 36.20 -21.29 15.50
CA LEU E 39 35.86 -20.30 16.52
C LEU E 39 36.98 -19.27 16.64
N LEU E 40 36.64 -18.10 17.14
CA LEU E 40 37.63 -17.08 17.43
C LEU E 40 38.49 -17.54 18.61
N LYS E 41 39.78 -17.27 18.54
CA LYS E 41 40.70 -17.68 19.59
CA LYS E 41 40.70 -17.68 19.59
C LYS E 41 41.64 -16.53 19.90
N LEU E 42 41.95 -16.32 21.18
CA LEU E 42 42.95 -15.32 21.54
C LEU E 42 44.34 -15.85 21.17
N ASP E 43 45.02 -15.17 20.25
CA ASP E 43 46.39 -15.53 19.90
C ASP E 43 47.34 -14.97 20.97
N ARG E 44 47.26 -13.66 21.18
CA ARG E 44 48.00 -13.05 22.28
C ARG E 44 47.47 -11.66 22.60
N VAL E 45 47.91 -11.12 23.73
CA VAL E 45 47.69 -9.74 24.05
C VAL E 45 48.96 -9.01 23.60
N LEU E 46 48.84 -7.99 22.76
CA LEU E 46 50.04 -7.28 22.34
C LEU E 46 50.83 -6.84 23.56
N TYR E 47 52.15 -6.97 23.47
CA TYR E 47 53.02 -6.65 24.61
C TYR E 47 53.13 -5.16 24.88
N SER E 48 52.69 -4.35 23.92
CA SER E 48 52.82 -2.90 24.02
C SER E 48 51.43 -2.28 23.94
N PRO E 49 51.28 -1.04 24.43
CA PRO E 49 49.93 -0.45 24.40
C PRO E 49 49.61 0.14 23.03
N PHE E 50 49.54 -0.73 22.03
N PHE E 50 49.60 -0.74 22.03
CA PHE E 50 49.17 -0.35 20.68
CA PHE E 50 49.17 -0.42 20.67
C PHE E 50 47.82 -1.01 20.38
C PHE E 50 47.72 -0.89 20.51
N PHE E 51 47.05 -0.41 19.48
CA PHE E 51 45.78 -0.99 19.06
C PHE E 51 45.80 -1.14 17.53
N TYR E 52 45.11 -2.15 17.02
CA TYR E 52 45.00 -2.35 15.58
C TYR E 52 44.36 -1.11 14.95
N PRO E 53 45.04 -0.51 13.95
CA PRO E 53 44.56 0.78 13.42
C PRO E 53 43.51 0.61 12.33
N VAL E 54 43.24 -0.65 11.96
CA VAL E 54 42.28 -1.03 10.93
C VAL E 54 41.56 -2.29 11.38
N ASP E 55 40.41 -2.59 10.77
CA ASP E 55 39.79 -3.90 10.98
C ASP E 55 40.63 -4.91 10.19
N TYR E 56 41.01 -5.98 10.85
CA TYR E 56 42.04 -6.86 10.33
C TYR E 56 41.48 -8.29 10.16
N GLY E 57 41.73 -8.90 9.01
CA GLY E 57 41.23 -10.25 8.81
C GLY E 57 41.90 -10.98 7.67
N ILE E 58 41.17 -11.91 7.06
CA ILE E 58 41.74 -12.76 6.00
C ILE E 58 40.77 -12.83 4.83
N ILE E 59 41.29 -13.13 3.64
CA ILE E 59 40.47 -13.38 2.48
C ILE E 59 40.23 -14.88 2.41
N PRO E 60 38.96 -15.31 2.42
CA PRO E 60 38.67 -16.75 2.43
C PRO E 60 39.25 -17.44 1.19
N GLN E 61 39.57 -18.72 1.32
CA GLN E 61 40.11 -19.52 0.21
C GLN E 61 41.31 -18.88 -0.48
N THR E 62 42.24 -18.36 0.32
CA THR E 62 43.52 -17.89 -0.19
C THR E 62 44.59 -18.53 0.64
N TRP E 63 45.81 -18.51 0.12
CA TRP E 63 46.97 -19.04 0.83
C TRP E 63 48.15 -18.20 0.38
N TYR E 64 49.12 -18.01 1.27
CA TYR E 64 50.22 -17.12 0.94
C TYR E 64 51.58 -17.74 1.23
N ASP E 65 52.64 -17.10 0.74
CA ASP E 65 54.00 -17.62 0.87
C ASP E 65 54.37 -17.95 2.32
N ASP E 66 53.74 -17.29 3.28
CA ASP E 66 54.11 -17.50 4.67
C ASP E 66 53.36 -18.65 5.34
N GLY E 67 52.61 -19.41 4.54
CA GLY E 67 51.89 -20.56 5.05
C GLY E 67 50.69 -20.19 5.90
N ASP E 68 49.96 -19.17 5.43
CA ASP E 68 48.73 -18.72 6.09
C ASP E 68 47.79 -18.13 5.05
N PRO E 69 46.52 -17.96 5.40
CA PRO E 69 45.59 -17.23 4.53
C PRO E 69 46.13 -15.81 4.28
N PHE E 70 45.74 -15.20 3.17
CA PHE E 70 46.23 -13.87 2.81
C PHE E 70 45.53 -12.84 3.69
N ASP E 71 46.31 -11.97 4.33
CA ASP E 71 45.78 -10.95 5.25
C ASP E 71 45.18 -9.75 4.54
N ILE E 72 44.13 -9.20 5.13
CA ILE E 72 43.53 -7.99 4.56
C ILE E 72 43.16 -7.04 5.69
N MET E 73 43.39 -5.75 5.44
CA MET E 73 43.10 -4.68 6.37
C MET E 73 42.02 -3.83 5.75
N VAL E 74 40.91 -3.65 6.45
CA VAL E 74 39.79 -2.87 5.90
C VAL E 74 39.60 -1.62 6.75
N ILE E 75 39.58 -0.47 6.09
CA ILE E 75 39.35 0.79 6.79
C ILE E 75 37.87 0.97 7.06
N MET E 76 37.47 0.87 8.33
CA MET E 76 36.06 1.01 8.70
C MET E 76 35.94 2.21 9.63
N ARG E 77 34.94 3.06 9.39
CA ARG E 77 34.71 4.19 10.30
C ARG E 77 34.22 3.70 11.67
N GLU E 78 33.27 2.78 11.67
CA GLU E 78 32.85 2.08 12.91
C GLU E 78 33.28 0.62 12.77
N PRO E 79 34.06 0.12 13.74
CA PRO E 79 34.60 -1.24 13.62
C PRO E 79 33.49 -2.27 13.62
N VAL E 80 33.72 -3.42 12.98
CA VAL E 80 32.71 -4.47 12.99
C VAL E 80 33.04 -5.47 14.10
N TYR E 81 32.19 -6.48 14.26
CA TYR E 81 32.45 -7.56 15.21
C TYR E 81 33.30 -8.62 14.56
N PRO E 82 34.09 -9.35 15.37
CA PRO E 82 34.86 -10.47 14.79
C PRO E 82 33.94 -11.45 14.07
N LEU E 83 34.46 -12.09 13.03
CA LEU E 83 33.73 -13.04 12.18
C LEU E 83 32.66 -12.38 11.30
N THR E 84 32.79 -11.08 11.07
CA THR E 84 31.89 -10.39 10.16
C THR E 84 32.48 -10.37 8.76
N ILE E 85 31.65 -10.66 7.75
CA ILE E 85 32.09 -10.57 6.36
C ILE E 85 31.89 -9.15 5.83
N ILE E 86 32.93 -8.57 5.23
CA ILE E 86 32.81 -7.28 4.56
C ILE E 86 33.18 -7.43 3.07
N GLU E 87 32.38 -6.84 2.19
CA GLU E 87 32.77 -6.73 0.77
C GLU E 87 33.72 -5.55 0.64
N ALA E 88 34.93 -5.83 0.17
CA ALA E 88 36.01 -4.85 0.23
C ALA E 88 36.67 -4.65 -1.14
N ARG E 89 37.02 -3.41 -1.44
CA ARG E 89 37.76 -3.10 -2.67
C ARG E 89 39.23 -2.89 -2.34
N PRO E 90 40.12 -3.70 -2.92
CA PRO E 90 41.56 -3.53 -2.65
C PRO E 90 42.06 -2.22 -3.23
N ILE E 91 42.81 -1.46 -2.45
CA ILE E 91 43.35 -0.21 -2.97
C ILE E 91 44.88 -0.16 -2.85
N GLY E 92 45.48 -1.20 -2.30
CA GLY E 92 46.92 -1.19 -2.15
C GLY E 92 47.42 -2.35 -1.34
N ILE E 93 48.73 -2.40 -1.12
CA ILE E 93 49.31 -3.54 -0.45
C ILE E 93 50.55 -3.13 0.35
N MET E 94 50.60 -3.56 1.61
CA MET E 94 51.76 -3.26 2.42
C MET E 94 52.77 -4.40 2.28
N LYS E 95 53.97 -4.05 1.87
CA LYS E 95 55.03 -5.04 1.70
C LYS E 95 55.90 -5.08 2.95
N MET E 96 55.94 -6.23 3.59
CA MET E 96 56.75 -6.39 4.78
C MET E 96 57.20 -7.84 4.96
N GLU E 97 58.33 -8.00 5.62
CA GLU E 97 58.80 -9.31 6.03
C GLU E 97 58.76 -9.39 7.54
N ASP E 98 58.33 -10.55 8.04
CA ASP E 98 58.30 -10.79 9.47
C ASP E 98 59.14 -12.03 9.73
N SER E 99 60.30 -11.83 10.34
CA SER E 99 61.21 -12.93 10.63
C SER E 99 61.52 -13.74 9.38
N GLY E 100 61.78 -13.05 8.27
CA GLY E 100 62.21 -13.70 7.05
C GLY E 100 61.09 -14.28 6.19
N ASP E 101 59.85 -14.13 6.65
CA ASP E 101 58.71 -14.61 5.88
C ASP E 101 58.01 -13.44 5.18
N LYS E 102 57.64 -13.64 3.92
CA LYS E 102 56.91 -12.65 3.14
C LYS E 102 55.49 -12.51 3.70
N ASP E 103 55.23 -11.38 4.36
CA ASP E 103 54.01 -11.21 5.15
C ASP E 103 53.21 -10.00 4.65
N TRP E 104 52.98 -9.93 3.35
CA TRP E 104 52.34 -8.76 2.75
C TRP E 104 50.87 -8.73 3.12
N LYS E 105 50.27 -7.54 3.13
CA LYS E 105 48.89 -7.39 3.58
C LYS E 105 48.13 -6.45 2.67
N VAL E 106 46.96 -6.87 2.21
CA VAL E 106 46.15 -6.03 1.35
C VAL E 106 45.53 -4.90 2.16
N LEU E 107 45.52 -3.70 1.60
CA LEU E 107 44.74 -2.59 2.17
C LEU E 107 43.46 -2.39 1.35
N ALA E 108 42.32 -2.24 2.03
CA ALA E 108 41.06 -2.22 1.29
C ALA E 108 40.07 -1.30 1.96
N VAL E 109 39.05 -0.90 1.20
CA VAL E 109 37.98 -0.08 1.76
C VAL E 109 36.67 -0.81 1.53
N PRO E 110 35.67 -0.53 2.36
CA PRO E 110 34.41 -1.24 2.19
C PRO E 110 33.62 -0.67 1.02
N VAL E 111 33.03 -1.56 0.24
CA VAL E 111 32.24 -1.13 -0.91
C VAL E 111 30.98 -0.40 -0.47
N GLU E 112 30.44 -0.77 0.70
CA GLU E 112 29.12 -0.28 1.11
C GLU E 112 29.17 0.88 2.10
N ASP E 113 30.28 1.60 2.14
CA ASP E 113 30.34 2.87 2.86
C ASP E 113 30.67 3.93 1.84
N PRO E 114 29.70 4.82 1.54
CA PRO E 114 29.85 5.82 0.47
C PRO E 114 30.96 6.83 0.78
N TYR E 115 31.39 6.87 2.04
CA TYR E 115 32.50 7.74 2.44
C TYR E 115 33.74 7.45 1.59
N PHE E 116 33.94 6.19 1.21
CA PHE E 116 35.16 5.78 0.54
C PHE E 116 34.98 5.60 -0.96
N ASN E 117 33.87 6.10 -1.50
CA ASN E 117 33.56 5.91 -2.91
C ASN E 117 34.70 6.33 -3.85
N ASP E 118 35.38 7.41 -3.50
CA ASP E 118 36.47 7.89 -4.36
C ASP E 118 37.88 7.41 -3.96
N TRP E 119 37.96 6.49 -3.00
CA TRP E 119 39.24 5.84 -2.70
C TRP E 119 39.39 4.62 -3.59
N LYS E 120 40.34 4.66 -4.51
CA LYS E 120 40.51 3.58 -5.47
C LYS E 120 41.96 3.14 -5.60
N ASP E 121 42.88 3.93 -5.07
CA ASP E 121 44.28 3.60 -5.15
C ASP E 121 45.02 4.10 -3.93
N ILE E 122 46.25 3.66 -3.78
CA ILE E 122 47.06 3.97 -2.60
C ILE E 122 47.30 5.47 -2.45
N SER E 123 47.35 6.19 -3.57
CA SER E 123 47.52 7.64 -3.54
C SER E 123 46.33 8.42 -2.97
N ASP E 124 45.18 7.77 -2.74
CA ASP E 124 44.02 8.45 -2.18
C ASP E 124 44.02 8.45 -0.66
N VAL E 125 44.95 7.71 -0.06
CA VAL E 125 45.01 7.57 1.39
C VAL E 125 45.92 8.65 1.95
N PRO E 126 45.50 9.35 3.02
CA PRO E 126 46.43 10.33 3.60
C PRO E 126 47.74 9.67 4.00
N LYS E 127 48.87 10.30 3.69
N LYS E 127 48.85 10.34 3.68
CA LYS E 127 50.15 9.64 3.95
CA LYS E 127 50.19 9.84 3.94
C LYS E 127 50.41 9.41 5.45
C LYS E 127 50.38 9.43 5.41
N ALA E 128 49.89 10.26 6.31
CA ALA E 128 50.07 10.04 7.74
C ALA E 128 49.41 8.72 8.15
N PHE E 129 48.33 8.35 7.46
CA PHE E 129 47.63 7.14 7.82
C PHE E 129 48.39 5.89 7.38
N LEU E 130 48.94 5.92 6.17
CA LEU E 130 49.85 4.84 5.76
C LEU E 130 51.05 4.72 6.70
N ASP E 131 51.62 5.86 7.11
CA ASP E 131 52.74 5.82 8.05
C ASP E 131 52.37 5.15 9.37
N GLU E 132 51.18 5.46 9.88
CA GLU E 132 50.77 4.93 11.17
C GLU E 132 50.55 3.43 11.10
N ILE E 133 50.03 2.95 9.97
CA ILE E 133 49.88 1.50 9.79
C ILE E 133 51.24 0.79 9.72
N ALA E 134 52.14 1.33 8.91
CA ALA E 134 53.47 0.74 8.78
C ALA E 134 54.19 0.77 10.12
N HIS E 135 54.04 1.86 10.87
CA HIS E 135 54.72 1.97 12.17
C HIS E 135 54.21 0.92 13.15
N PHE E 136 52.90 0.70 13.14
CA PHE E 136 52.32 -0.35 13.97
C PHE E 136 52.97 -1.71 13.70
N PHE E 137 53.03 -2.12 12.43
CA PHE E 137 53.60 -3.42 12.11
C PHE E 137 55.11 -3.43 12.29
N GLN E 138 55.74 -2.25 12.21
CA GLN E 138 57.18 -2.21 12.44
C GLN E 138 57.53 -2.49 13.91
N ARG E 139 56.69 -2.06 14.84
CA ARG E 139 57.05 -2.10 16.26
C ARG E 139 56.18 -2.99 17.15
N TYR E 140 55.09 -3.54 16.63
CA TYR E 140 54.14 -4.18 17.54
C TYR E 140 54.66 -5.47 18.17
N LYS E 141 55.68 -6.08 17.57
CA LYS E 141 56.29 -7.27 18.17
C LYS E 141 57.69 -7.01 18.73
N GLU E 142 58.05 -5.74 18.86
CA GLU E 142 59.39 -5.40 19.31
C GLU E 142 59.74 -6.03 20.68
N LEU E 143 58.79 -6.00 21.62
CA LEU E 143 59.09 -6.53 22.94
C LEU E 143 59.08 -8.05 22.98
N GLN E 144 58.60 -8.68 21.90
CA GLN E 144 58.70 -10.14 21.80
C GLN E 144 60.02 -10.52 21.14
N GLY E 145 60.82 -9.50 20.81
CA GLY E 145 62.13 -9.74 20.26
C GLY E 145 62.14 -10.06 18.78
N LYS E 146 60.98 -9.95 18.14
CA LYS E 146 60.88 -10.23 16.71
C LYS E 146 61.24 -9.00 15.92
N THR E 147 61.82 -9.22 14.74
CA THR E 147 62.14 -8.13 13.84
C THR E 147 61.23 -8.18 12.63
N THR E 148 60.63 -7.04 12.29
CA THR E 148 59.88 -6.94 11.06
C THR E 148 60.52 -5.86 10.20
N LYS E 149 60.52 -6.08 8.89
CA LYS E 149 61.04 -5.09 7.95
C LYS E 149 59.91 -4.60 7.04
N ILE E 150 59.69 -3.30 7.04
CA ILE E 150 58.69 -2.70 6.17
C ILE E 150 59.37 -2.24 4.89
N GLU E 151 58.93 -2.77 3.76
N GLU E 151 58.88 -2.74 3.75
CA GLU E 151 59.54 -2.39 2.48
CA GLU E 151 59.51 -2.48 2.47
C GLU E 151 58.91 -1.11 1.97
C GLU E 151 58.79 -1.44 1.61
N GLY E 152 57.59 -1.05 2.02
CA GLY E 152 56.88 0.03 1.39
C GLY E 152 55.48 -0.40 0.99
N TRP E 153 54.83 0.43 0.16
CA TRP E 153 53.46 0.20 -0.26
C TRP E 153 53.41 0.00 -1.77
N GLY E 154 52.60 -0.96 -2.21
CA GLY E 154 52.30 -1.13 -3.62
C GLY E 154 50.91 -0.59 -3.90
N ASN E 155 50.63 -0.35 -5.19
CA ASN E 155 49.34 0.23 -5.59
C ASN E 155 48.25 -0.83 -5.81
N ALA E 156 47.08 -0.37 -6.25
CA ALA E 156 45.93 -1.26 -6.35
C ALA E 156 46.16 -2.41 -7.33
N GLU E 157 46.83 -2.11 -8.45
CA GLU E 157 47.08 -3.15 -9.45
C GLU E 157 47.95 -4.25 -8.89
N GLU E 158 48.98 -3.85 -8.16
CA GLU E 158 49.86 -4.83 -7.53
C GLU E 158 49.11 -5.65 -6.48
N ALA E 159 48.27 -4.98 -5.70
CA ALA E 159 47.46 -5.71 -4.71
C ALA E 159 46.62 -6.78 -5.40
N LYS E 160 45.97 -6.41 -6.49
CA LYS E 160 45.06 -7.33 -7.17
C LYS E 160 45.80 -8.50 -7.78
N ARG E 161 47.01 -8.26 -8.30
CA ARG E 161 47.84 -9.36 -8.79
C ARG E 161 48.18 -10.35 -7.69
N GLU E 162 48.54 -9.85 -6.51
CA GLU E 162 48.86 -10.74 -5.41
C GLU E 162 47.64 -11.54 -4.95
N ILE E 163 46.47 -10.91 -4.98
CA ILE E 163 45.24 -11.62 -4.60
C ILE E 163 45.00 -12.82 -5.54
N LEU E 164 45.14 -12.60 -6.85
CA LEU E 164 45.01 -13.68 -7.82
C LEU E 164 46.03 -14.79 -7.54
N ARG E 165 47.25 -14.40 -7.22
CA ARG E 165 48.27 -15.37 -6.87
C ARG E 165 47.89 -16.19 -5.64
N ALA E 166 47.32 -15.53 -4.63
CA ALA E 166 46.97 -16.23 -3.40
C ALA E 166 45.78 -17.15 -3.60
N ILE E 167 44.89 -16.78 -4.52
CA ILE E 167 43.72 -17.60 -4.81
C ILE E 167 44.16 -18.89 -5.50
N GLU E 168 45.14 -18.76 -6.37
CA GLU E 168 45.72 -19.92 -7.06
C GLU E 168 46.50 -20.81 -6.10
N MET E 169 47.28 -20.21 -5.20
CA MET E 169 48.01 -21.00 -4.22
C MET E 169 47.09 -21.86 -3.36
N TYR E 170 45.92 -21.32 -3.03
CA TYR E 170 44.97 -22.06 -2.21
C TYR E 170 44.50 -23.29 -2.95
N LYS E 171 44.14 -23.10 -4.22
CA LYS E 171 43.64 -24.19 -5.06
C LYS E 171 44.66 -25.33 -5.17
N GLU E 172 45.93 -24.97 -5.27
N GLU E 172 45.94 -25.00 -5.22
CA GLU E 172 47.00 -25.97 -5.32
CA GLU E 172 46.98 -26.02 -5.36
C GLU E 172 47.01 -26.79 -4.04
C GLU E 172 47.27 -26.79 -4.07
N LYS E 173 47.22 -26.10 -2.93
CA LYS E 173 47.44 -26.76 -1.65
C LYS E 173 46.26 -27.59 -1.12
N PHE E 174 45.04 -27.16 -1.40
CA PHE E 174 43.87 -27.81 -0.82
C PHE E 174 43.05 -28.62 -1.82
N GLY E 175 42.57 -27.97 -2.87
CA GLY E 175 41.80 -28.65 -3.90
C GLY E 175 40.95 -27.70 -4.72
N MET F 1 -30.17 -1.69 -27.16
CA MET F 1 -29.27 -1.46 -28.28
C MET F 1 -28.10 -0.57 -27.86
N ASN F 2 -26.99 -0.68 -28.59
CA ASN F 2 -25.88 0.24 -28.44
C ASN F 2 -25.96 1.28 -29.56
N PRO F 3 -26.29 2.53 -29.21
CA PRO F 3 -26.61 3.59 -30.18
C PRO F 3 -25.52 3.77 -31.22
N PHE F 4 -24.26 3.56 -30.80
CA PHE F 4 -23.13 3.73 -31.68
C PHE F 4 -23.17 2.79 -32.90
N HIS F 5 -23.70 1.58 -32.70
CA HIS F 5 -23.82 0.59 -33.77
C HIS F 5 -25.16 0.66 -34.50
N GLU F 6 -26.17 1.24 -33.85
CA GLU F 6 -27.54 1.12 -34.33
C GLU F 6 -28.00 2.29 -35.21
N LEU F 7 -27.38 3.45 -35.03
CA LEU F 7 -27.71 4.63 -35.81
C LEU F 7 -26.85 4.70 -37.06
N GLU F 8 -27.41 5.20 -38.15
CA GLU F 8 -26.61 5.49 -39.33
C GLU F 8 -25.76 6.75 -39.08
N PRO F 9 -24.68 6.93 -39.85
CA PRO F 9 -23.76 8.05 -39.63
C PRO F 9 -24.40 9.41 -39.87
N GLY F 10 -25.46 9.46 -40.67
CA GLY F 10 -26.13 10.72 -40.94
C GLY F 10 -27.24 10.59 -41.97
N PRO F 11 -28.13 11.58 -42.02
CA PRO F 11 -29.25 11.52 -42.98
C PRO F 11 -28.82 11.93 -44.37
N GLU F 12 -27.67 12.58 -44.49
CA GLU F 12 -27.14 12.99 -45.78
C GLU F 12 -25.63 13.20 -45.74
N VAL F 13 -24.89 12.12 -45.49
CA VAL F 13 -23.43 12.21 -45.38
C VAL F 13 -22.82 12.69 -46.69
N PRO F 14 -21.77 13.52 -46.61
CA PRO F 14 -21.17 14.01 -45.36
C PRO F 14 -21.61 15.44 -45.06
N GLU F 15 -22.63 15.92 -45.77
CA GLU F 15 -23.10 17.29 -45.63
C GLU F 15 -23.87 17.47 -44.32
N VAL F 16 -24.62 16.43 -43.95
CA VAL F 16 -25.33 16.41 -42.66
C VAL F 16 -25.07 15.08 -41.99
N VAL F 17 -24.45 15.12 -40.82
CA VAL F 17 -24.22 13.91 -40.05
C VAL F 17 -25.02 13.94 -38.75
N TYR F 18 -25.14 12.78 -38.11
CA TYR F 18 -25.66 12.73 -36.76
C TYR F 18 -24.52 12.86 -35.76
N ALA F 19 -24.72 13.69 -34.75
CA ALA F 19 -23.79 13.76 -33.64
C ALA F 19 -24.52 13.16 -32.45
N LEU F 20 -23.94 12.14 -31.85
CA LEU F 20 -24.49 11.57 -30.64
C LEU F 20 -23.73 12.14 -29.46
N ILE F 21 -24.38 13.02 -28.71
CA ILE F 21 -23.67 13.81 -27.71
C ILE F 21 -23.41 12.99 -26.45
N GLU F 22 -22.16 13.05 -25.97
CA GLU F 22 -21.79 12.42 -24.71
C GLU F 22 -21.59 13.44 -23.59
N ILE F 23 -21.05 14.61 -23.94
CA ILE F 23 -20.69 15.62 -22.93
C ILE F 23 -21.25 16.99 -23.33
N PRO F 24 -22.18 17.53 -22.55
CA PRO F 24 -22.72 18.86 -22.86
CA PRO F 24 -22.73 18.87 -22.84
C PRO F 24 -21.71 19.95 -22.54
N LYS F 25 -21.79 21.06 -23.27
N LYS F 25 -21.77 21.06 -23.27
CA LYS F 25 -20.97 22.23 -22.97
CA LYS F 25 -20.88 22.18 -22.99
C LYS F 25 -21.11 22.56 -21.50
C LYS F 25 -21.09 22.63 -21.55
N GLY F 26 -20.00 22.91 -20.86
CA GLY F 26 -20.04 23.33 -19.46
C GLY F 26 -19.71 22.24 -18.47
N SER F 27 -19.57 21.01 -18.96
N SER F 27 -19.58 21.01 -18.95
CA SER F 27 -19.24 19.87 -18.12
CA SER F 27 -19.28 19.88 -18.05
C SER F 27 -17.77 19.83 -17.73
C SER F 27 -17.80 19.77 -17.72
N ARG F 28 -17.48 19.55 -16.46
CA ARG F 28 -16.13 19.19 -16.07
C ARG F 28 -16.00 17.66 -16.02
N ASN F 29 -17.13 16.97 -15.90
CA ASN F 29 -17.15 15.51 -15.99
C ASN F 29 -17.01 15.06 -17.44
N LYS F 30 -16.07 14.14 -17.68
CA LYS F 30 -15.86 13.58 -19.01
C LYS F 30 -16.56 12.22 -19.09
N TYR F 31 -17.58 12.14 -19.95
CA TYR F 31 -18.38 10.93 -20.10
C TYR F 31 -18.02 10.24 -21.39
N GLU F 32 -18.20 8.92 -21.42
N GLU F 32 -18.20 8.93 -21.41
CA GLU F 32 -18.03 8.10 -22.60
CA GLU F 32 -18.13 8.16 -22.65
C GLU F 32 -19.16 7.06 -22.62
C GLU F 32 -19.34 7.24 -22.71
N LEU F 33 -19.41 6.46 -23.78
CA LEU F 33 -20.43 5.42 -23.88
C LEU F 33 -19.80 4.12 -23.41
N ASP F 34 -20.49 3.38 -22.56
CA ASP F 34 -20.03 2.06 -22.17
C ASP F 34 -20.15 1.14 -23.39
N LYS F 35 -19.05 0.46 -23.74
CA LYS F 35 -19.00 -0.33 -24.96
C LYS F 35 -20.05 -1.45 -24.98
N LYS F 36 -20.16 -2.17 -23.88
CA LYS F 36 -21.07 -3.31 -23.82
C LYS F 36 -22.56 -2.92 -23.85
N THR F 37 -22.93 -1.91 -23.06
CA THR F 37 -24.34 -1.63 -22.81
C THR F 37 -24.87 -0.37 -23.49
N GLY F 38 -23.96 0.50 -23.89
CA GLY F 38 -24.34 1.76 -24.48
C GLY F 38 -24.86 2.78 -23.47
N LEU F 39 -24.71 2.50 -22.17
CA LEU F 39 -25.07 3.48 -21.16
C LEU F 39 -23.95 4.50 -21.03
N LEU F 40 -24.30 5.69 -20.56
CA LEU F 40 -23.32 6.72 -20.28
C LEU F 40 -22.43 6.27 -19.12
N LYS F 41 -21.13 6.52 -19.23
CA LYS F 41 -20.22 6.16 -18.15
C LYS F 41 -19.32 7.34 -17.86
N LEU F 42 -18.99 7.56 -16.59
CA LEU F 42 -17.98 8.55 -16.25
C LEU F 42 -16.60 8.01 -16.61
N ASP F 43 -15.89 8.70 -17.50
CA ASP F 43 -14.53 8.32 -17.83
C ASP F 43 -13.58 8.89 -16.77
N ARG F 44 -13.65 10.20 -16.56
CA ARG F 44 -12.87 10.81 -15.49
C ARG F 44 -13.42 12.20 -15.19
N VAL F 45 -12.99 12.77 -14.06
CA VAL F 45 -13.27 14.17 -13.79
C VAL F 45 -12.00 14.90 -14.22
N LEU F 46 -12.12 15.93 -15.05
CA LEU F 46 -10.90 16.62 -15.51
C LEU F 46 -10.11 17.08 -14.29
N TYR F 47 -8.79 16.93 -14.35
CA TYR F 47 -7.93 17.28 -13.23
C TYR F 47 -7.81 18.78 -13.00
N SER F 48 -8.22 19.57 -13.99
CA SER F 48 -8.13 21.03 -13.91
C SER F 48 -9.52 21.62 -13.99
N PRO F 49 -9.68 22.86 -13.51
CA PRO F 49 -11.02 23.47 -13.54
C PRO F 49 -11.33 24.04 -14.91
N PHE F 50 -11.42 23.14 -15.88
N PHE F 50 -11.38 23.13 -15.88
CA PHE F 50 -11.80 23.49 -17.25
CA PHE F 50 -11.81 23.41 -17.26
C PHE F 50 -13.12 22.79 -17.56
C PHE F 50 -13.25 22.94 -17.39
N PHE F 51 -13.91 23.39 -18.45
CA PHE F 51 -15.19 22.81 -18.87
C PHE F 51 -15.17 22.64 -20.38
N TYR F 52 -15.84 21.59 -20.86
CA TYR F 52 -15.97 21.36 -22.30
C TYR F 52 -16.61 22.59 -22.94
N PRO F 53 -15.94 23.17 -23.96
CA PRO F 53 -16.42 24.43 -24.54
C PRO F 53 -17.47 24.25 -25.62
N VAL F 54 -17.74 22.99 -25.97
CA VAL F 54 -18.71 22.63 -27.00
C VAL F 54 -19.46 21.38 -26.54
N ASP F 55 -20.61 21.09 -27.15
CA ASP F 55 -21.25 19.80 -26.93
C ASP F 55 -20.42 18.75 -27.68
N TYR F 56 -20.02 17.70 -26.99
CA TYR F 56 -18.99 16.79 -27.50
C TYR F 56 -19.53 15.38 -27.63
N GLY F 57 -19.26 14.73 -28.75
CA GLY F 57 -19.77 13.38 -28.91
C GLY F 57 -19.12 12.61 -30.03
N ILE F 58 -19.84 11.65 -30.59
CA ILE F 58 -19.29 10.79 -31.64
C ILE F 58 -20.26 10.71 -32.82
N ILE F 59 -19.74 10.39 -34.00
CA ILE F 59 -20.59 10.12 -35.14
C ILE F 59 -20.82 8.61 -35.20
N PRO F 60 -22.09 8.19 -35.19
CA PRO F 60 -22.39 6.75 -35.14
C PRO F 60 -21.80 6.02 -36.35
N GLN F 61 -21.44 4.75 -36.17
CA GLN F 61 -20.90 3.91 -37.24
C GLN F 61 -19.69 4.53 -37.92
N THR F 62 -18.78 5.04 -37.11
CA THR F 62 -17.48 5.49 -37.61
C THR F 62 -16.40 4.84 -36.80
N TRP F 63 -15.21 4.79 -37.37
CA TRP F 63 -14.06 4.30 -36.67
C TRP F 63 -12.89 5.12 -37.15
N TYR F 64 -11.94 5.39 -36.26
CA TYR F 64 -10.84 6.27 -36.62
C TYR F 64 -9.50 5.63 -36.33
N ASP F 65 -8.44 6.26 -36.81
CA ASP F 65 -7.08 5.73 -36.65
C ASP F 65 -6.71 5.48 -35.21
N ASP F 66 -7.25 6.27 -34.29
CA ASP F 66 -6.87 6.13 -32.88
C ASP F 66 -7.63 5.00 -32.19
N GLY F 67 -8.39 4.25 -32.95
CA GLY F 67 -9.10 3.09 -32.42
C GLY F 67 -10.33 3.44 -31.60
N ASP F 68 -11.03 4.49 -32.01
CA ASP F 68 -12.29 4.89 -31.38
C ASP F 68 -13.23 5.44 -32.43
N PRO F 69 -14.50 5.62 -32.07
CA PRO F 69 -15.40 6.34 -32.98
C PRO F 69 -14.87 7.72 -33.30
N PHE F 70 -15.26 8.27 -34.44
CA PHE F 70 -14.81 9.59 -34.85
C PHE F 70 -15.51 10.66 -33.98
N ASP F 71 -14.71 11.55 -33.38
CA ASP F 71 -15.22 12.59 -32.49
C ASP F 71 -15.82 13.78 -33.21
N ILE F 72 -16.87 14.35 -32.64
CA ILE F 72 -17.48 15.53 -33.23
C ILE F 72 -17.86 16.53 -32.14
N MET F 73 -17.60 17.80 -32.43
CA MET F 73 -17.92 18.91 -31.56
C MET F 73 -19.01 19.76 -32.21
N VAL F 74 -20.11 19.95 -31.50
CA VAL F 74 -21.22 20.72 -32.03
C VAL F 74 -21.37 21.99 -31.21
N ILE F 75 -21.45 23.12 -31.89
CA ILE F 75 -21.63 24.39 -31.20
C ILE F 75 -23.12 24.62 -30.94
N MET F 76 -23.52 24.53 -29.68
CA MET F 76 -24.92 24.70 -29.29
C MET F 76 -25.01 25.90 -28.36
N ARG F 77 -26.04 26.72 -28.56
CA ARG F 77 -26.28 27.85 -27.66
C ARG F 77 -26.77 27.39 -26.30
N GLU F 78 -27.68 26.43 -26.29
CA GLU F 78 -28.15 25.79 -25.07
C GLU F 78 -27.71 24.34 -25.17
N PRO F 79 -26.92 23.86 -24.20
CA PRO F 79 -26.38 22.49 -24.28
C PRO F 79 -27.49 21.47 -24.27
N VAL F 80 -27.28 20.33 -24.92
CA VAL F 80 -28.25 19.23 -24.89
C VAL F 80 -27.93 18.26 -23.76
N TYR F 81 -28.79 17.25 -23.58
CA TYR F 81 -28.54 16.20 -22.60
C TYR F 81 -27.67 15.11 -23.22
N PRO F 82 -26.91 14.38 -22.38
CA PRO F 82 -26.14 13.29 -22.98
C PRO F 82 -27.07 12.31 -23.67
N LEU F 83 -26.55 11.65 -24.72
CA LEU F 83 -27.29 10.69 -25.55
C LEU F 83 -28.36 11.35 -26.42
N THR F 84 -28.22 12.64 -26.66
CA THR F 84 -29.13 13.31 -27.59
C THR F 84 -28.51 13.29 -28.98
N ILE F 85 -29.34 12.99 -29.98
CA ILE F 85 -28.92 13.06 -31.38
C ILE F 85 -29.12 14.45 -31.96
N ILE F 86 -28.06 15.02 -32.54
CA ILE F 86 -28.18 16.29 -33.24
C ILE F 86 -27.79 16.13 -34.71
N GLU F 87 -28.62 16.62 -35.62
N GLU F 87 -28.63 16.64 -35.60
CA GLU F 87 -28.24 16.70 -37.02
CA GLU F 87 -28.27 16.75 -37.01
C GLU F 87 -27.33 17.91 -37.20
C GLU F 87 -27.32 17.92 -37.17
N ALA F 88 -26.12 17.66 -37.67
CA ALA F 88 -25.06 18.64 -37.66
C ALA F 88 -24.35 18.75 -39.01
N ARG F 89 -23.99 19.98 -39.36
CA ARG F 89 -23.26 20.31 -40.58
C ARG F 89 -21.78 20.51 -40.23
N PRO F 90 -20.90 19.66 -40.78
CA PRO F 90 -19.46 19.85 -40.52
C PRO F 90 -18.99 21.16 -41.14
N ILE F 91 -18.25 21.95 -40.39
CA ILE F 91 -17.69 23.19 -40.93
C ILE F 91 -16.17 23.22 -40.82
N GLY F 92 -15.57 22.19 -40.23
CA GLY F 92 -14.13 22.20 -40.05
C GLY F 92 -13.62 21.03 -39.27
N ILE F 93 -12.30 20.99 -39.06
CA ILE F 93 -11.73 19.86 -38.35
C ILE F 93 -10.49 20.32 -37.59
N MET F 94 -10.39 19.91 -36.33
CA MET F 94 -9.23 20.23 -35.52
C MET F 94 -8.25 19.09 -35.65
N LYS F 95 -7.03 19.41 -36.05
CA LYS F 95 -5.99 18.43 -36.22
C LYS F 95 -5.11 18.44 -34.98
N MET F 96 -5.02 17.29 -34.32
N MET F 96 -5.06 17.30 -34.30
CA MET F 96 -4.20 17.20 -33.14
CA MET F 96 -4.28 17.17 -33.08
C MET F 96 -3.80 15.75 -32.85
C MET F 96 -3.78 15.74 -32.91
N GLU F 97 -2.67 15.59 -32.20
CA GLU F 97 -2.19 14.27 -31.80
C GLU F 97 -2.24 14.18 -30.29
N ASP F 98 -2.70 13.05 -29.78
CA ASP F 98 -2.72 12.82 -28.34
C ASP F 98 -1.87 11.59 -28.07
N SER F 99 -0.74 11.81 -27.41
CA SER F 99 0.18 10.72 -27.08
C SER F 99 0.55 9.91 -28.33
N GLY F 100 0.81 10.62 -29.43
CA GLY F 100 1.23 9.99 -30.67
C GLY F 100 0.12 9.47 -31.55
N ASP F 101 -1.12 9.52 -31.06
CA ASP F 101 -2.26 9.02 -31.82
C ASP F 101 -2.98 10.16 -32.54
N LYS F 102 -3.40 9.90 -33.78
CA LYS F 102 -4.17 10.84 -34.57
C LYS F 102 -5.56 10.99 -33.97
N ASP F 103 -5.83 12.14 -33.36
CA ASP F 103 -7.06 12.31 -32.58
C ASP F 103 -7.83 13.52 -33.09
N TRP F 104 -8.02 13.58 -34.40
CA TRP F 104 -8.67 14.71 -35.04
C TRP F 104 -10.15 14.75 -34.66
N LYS F 105 -10.75 15.94 -34.72
CA LYS F 105 -12.13 16.09 -34.27
C LYS F 105 -12.89 17.04 -35.19
N VAL F 106 -14.07 16.61 -35.62
CA VAL F 106 -14.89 17.45 -36.47
C VAL F 106 -15.52 18.58 -35.66
N LEU F 107 -15.58 19.76 -36.27
CA LEU F 107 -16.32 20.89 -35.71
C LEU F 107 -17.56 21.11 -36.55
N ALA F 108 -18.72 21.21 -35.89
CA ALA F 108 -19.98 21.26 -36.63
C ALA F 108 -20.96 22.23 -35.99
N VAL F 109 -21.98 22.62 -36.75
CA VAL F 109 -23.06 23.42 -36.19
C VAL F 109 -24.38 22.69 -36.39
N PRO F 110 -25.36 22.99 -35.55
CA PRO F 110 -26.66 22.30 -35.68
C PRO F 110 -27.42 22.85 -36.88
N VAL F 111 -27.97 21.94 -37.66
CA VAL F 111 -28.79 22.31 -38.81
C VAL F 111 -30.04 23.09 -38.41
N GLU F 112 -30.59 22.77 -37.24
CA GLU F 112 -31.89 23.29 -36.85
C GLU F 112 -31.84 24.43 -35.82
N ASP F 113 -30.74 25.17 -35.83
CA ASP F 113 -30.68 26.45 -35.11
C ASP F 113 -30.34 27.49 -36.18
N PRO F 114 -31.30 28.39 -36.48
CA PRO F 114 -31.13 29.37 -37.56
C PRO F 114 -30.00 30.36 -37.27
N TYR F 115 -29.59 30.45 -36.01
CA TYR F 115 -28.47 31.31 -35.63
C TYR F 115 -27.23 30.99 -36.45
N PHE F 116 -27.06 29.72 -36.81
CA PHE F 116 -25.86 29.27 -37.50
C PHE F 116 -26.03 29.09 -39.00
N ASN F 117 -27.15 29.56 -39.54
CA ASN F 117 -27.46 29.34 -40.96
C ASN F 117 -26.31 29.75 -41.89
N ASP F 118 -25.62 30.82 -41.54
CA ASP F 118 -24.53 31.33 -42.39
C ASP F 118 -23.14 30.82 -42.03
N TRP F 119 -23.06 29.90 -41.08
CA TRP F 119 -21.78 29.28 -40.77
C TRP F 119 -21.62 28.03 -41.63
N LYS F 120 -20.69 28.07 -42.58
CA LYS F 120 -20.51 26.95 -43.51
C LYS F 120 -19.08 26.48 -43.61
N ASP F 121 -18.14 27.29 -43.14
N ASP F 121 -18.14 27.29 -43.12
CA ASP F 121 -16.74 26.90 -43.18
CA ASP F 121 -16.74 26.91 -43.19
C ASP F 121 -16.00 27.46 -41.98
C ASP F 121 -15.98 27.49 -42.00
N ILE F 122 -14.75 27.00 -41.80
CA ILE F 122 -13.96 27.36 -40.64
C ILE F 122 -13.71 28.86 -40.51
N SER F 123 -13.71 29.55 -41.66
CA SER F 123 -13.52 31.01 -41.69
C SER F 123 -14.69 31.81 -41.15
N ASP F 124 -15.82 31.14 -40.89
CA ASP F 124 -16.99 31.82 -40.33
C ASP F 124 -16.98 31.85 -38.80
N VAL F 125 -16.06 31.12 -38.19
CA VAL F 125 -15.99 31.06 -36.73
C VAL F 125 -15.07 32.15 -36.17
N PRO F 126 -15.52 32.87 -35.11
CA PRO F 126 -14.61 33.87 -34.54
C PRO F 126 -13.28 33.23 -34.15
N LYS F 127 -12.17 33.88 -34.49
CA LYS F 127 -10.85 33.31 -34.22
C LYS F 127 -10.63 33.00 -32.74
N ALA F 128 -11.09 33.89 -31.87
CA ALA F 128 -10.90 33.66 -30.44
C ALA F 128 -11.57 32.37 -29.97
N PHE F 129 -12.66 31.99 -30.63
CA PHE F 129 -13.37 30.76 -30.25
C PHE F 129 -12.60 29.51 -30.68
N LEU F 130 -12.04 29.52 -31.89
CA LEU F 130 -11.14 28.44 -32.30
C LEU F 130 -9.94 28.32 -31.34
N ASP F 131 -9.37 29.45 -30.96
CA ASP F 131 -8.25 29.44 -30.02
C ASP F 131 -8.66 28.83 -28.68
N GLU F 132 -9.86 29.15 -28.21
CA GLU F 132 -10.26 28.64 -26.90
C GLU F 132 -10.46 27.13 -26.94
N ILE F 133 -10.99 26.62 -28.06
CA ILE F 133 -11.15 25.17 -28.20
C ILE F 133 -9.78 24.47 -28.26
N ALA F 134 -8.88 25.01 -29.07
CA ALA F 134 -7.56 24.41 -29.17
C ALA F 134 -6.80 24.46 -27.84
N HIS F 135 -6.92 25.58 -27.12
CA HIS F 135 -6.25 25.70 -25.82
C HIS F 135 -6.77 24.68 -24.81
N PHE F 136 -8.07 24.46 -24.82
CA PHE F 136 -8.68 23.41 -24.00
C PHE F 136 -8.00 22.06 -24.26
N PHE F 137 -7.94 21.62 -25.53
CA PHE F 137 -7.34 20.33 -25.81
C PHE F 137 -5.83 20.31 -25.62
N GLN F 138 -5.20 21.48 -25.71
CA GLN F 138 -3.77 21.54 -25.50
C GLN F 138 -3.41 21.29 -24.05
N ARG F 139 -4.28 21.72 -23.13
CA ARG F 139 -3.92 21.75 -21.71
C ARG F 139 -4.77 20.85 -20.80
N TYR F 140 -5.86 20.28 -21.30
CA TYR F 140 -6.81 19.65 -20.39
C TYR F 140 -6.30 18.36 -19.75
N LYS F 141 -5.25 17.77 -20.30
CA LYS F 141 -4.66 16.59 -19.66
C LYS F 141 -3.27 16.85 -19.12
N GLU F 142 -2.90 18.12 -19.00
CA GLU F 142 -1.55 18.46 -18.54
C GLU F 142 -1.19 17.91 -17.17
N LEU F 143 -2.12 17.95 -16.22
CA LEU F 143 -1.88 17.42 -14.89
C LEU F 143 -1.88 15.88 -14.85
N GLN F 144 -2.32 15.24 -15.93
CA GLN F 144 -2.20 13.80 -16.04
C GLN F 144 -0.87 13.43 -16.68
N GLY F 145 -0.06 14.43 -16.99
CA GLY F 145 1.25 14.21 -17.56
C GLY F 145 1.24 13.81 -19.02
N LYS F 146 0.09 13.96 -19.66
CA LYS F 146 -0.04 13.60 -21.07
C LYS F 146 0.23 14.82 -21.93
N THR F 147 0.83 14.59 -23.09
CA THR F 147 1.14 15.69 -24.00
C THR F 147 0.28 15.60 -25.24
N THR F 148 -0.35 16.72 -25.60
CA THR F 148 -1.11 16.78 -26.84
C THR F 148 -0.46 17.81 -27.74
N LYS F 149 -0.58 17.59 -29.05
CA LYS F 149 -0.03 18.54 -30.01
C LYS F 149 -1.15 19.02 -30.93
N ILE F 150 -1.38 20.33 -30.95
CA ILE F 150 -2.38 20.91 -31.84
C ILE F 150 -1.69 21.28 -33.16
N GLU F 151 -2.15 20.70 -34.26
CA GLU F 151 -1.55 20.95 -35.58
CA GLU F 151 -1.54 20.95 -35.56
C GLU F 151 -2.19 22.14 -36.28
N GLY F 152 -3.47 22.37 -36.00
CA GLY F 152 -4.19 23.46 -36.64
C GLY F 152 -5.59 23.04 -37.07
N TRP F 153 -6.22 23.88 -37.87
CA TRP F 153 -7.60 23.65 -38.33
C TRP F 153 -7.67 23.42 -39.84
N GLY F 154 -8.43 22.40 -40.24
CA GLY F 154 -8.74 22.19 -41.65
C GLY F 154 -10.11 22.73 -41.97
N ASN F 155 -10.38 22.93 -43.26
CA ASN F 155 -11.67 23.48 -43.67
C ASN F 155 -12.79 22.43 -43.77
N ALA F 156 -13.97 22.89 -44.18
CA ALA F 156 -15.14 22.02 -44.26
C ALA F 156 -14.96 20.84 -45.21
N GLU F 157 -14.26 21.06 -46.33
CA GLU F 157 -14.04 19.98 -47.30
C GLU F 157 -13.14 18.91 -46.73
N GLU F 158 -12.12 19.31 -45.97
CA GLU F 158 -11.24 18.34 -45.36
C GLU F 158 -11.98 17.55 -44.29
N ALA F 159 -12.82 18.23 -43.51
CA ALA F 159 -13.65 17.55 -42.53
C ALA F 159 -14.52 16.46 -43.18
N LYS F 160 -15.17 16.81 -44.28
CA LYS F 160 -16.08 15.88 -44.94
C LYS F 160 -15.35 14.67 -45.52
N ARG F 161 -14.17 14.91 -46.08
N ARG F 161 -14.16 14.92 -46.05
CA ARG F 161 -13.33 13.82 -46.57
CA ARG F 161 -13.31 13.86 -46.58
C ARG F 161 -12.98 12.84 -45.45
C ARG F 161 -12.93 12.87 -45.47
N GLU F 162 -12.63 13.38 -44.29
CA GLU F 162 -12.27 12.53 -43.16
C GLU F 162 -13.47 11.75 -42.64
N ILE F 163 -14.64 12.38 -42.64
CA ILE F 163 -15.86 11.70 -42.26
C ILE F 163 -16.11 10.47 -43.15
N LEU F 164 -15.96 10.66 -44.46
CA LEU F 164 -16.11 9.54 -45.39
C LEU F 164 -15.12 8.42 -45.10
N ARG F 165 -13.88 8.78 -44.79
CA ARG F 165 -12.87 7.78 -44.47
C ARG F 165 -13.23 7.02 -43.19
N ALA F 166 -13.75 7.73 -42.21
CA ALA F 166 -14.09 7.10 -40.93
C ALA F 166 -15.28 6.16 -41.09
N ILE F 167 -16.17 6.48 -42.01
CA ILE F 167 -17.32 5.64 -42.29
C ILE F 167 -16.86 4.33 -42.94
N GLU F 168 -15.91 4.44 -43.86
CA GLU F 168 -15.32 3.27 -44.49
C GLU F 168 -14.60 2.40 -43.46
N MET F 169 -13.75 3.02 -42.64
CA MET F 169 -13.01 2.28 -41.62
C MET F 169 -13.90 1.47 -40.66
N TYR F 170 -15.10 1.96 -40.39
CA TYR F 170 -16.03 1.23 -39.54
C TYR F 170 -16.56 0.01 -40.29
N LYS F 171 -16.90 0.20 -41.56
CA LYS F 171 -17.37 -0.90 -42.39
C LYS F 171 -16.34 -2.03 -42.44
N GLU F 172 -15.11 -1.69 -42.83
N GLU F 172 -15.11 -1.69 -42.82
CA GLU F 172 -14.02 -2.65 -42.86
CA GLU F 172 -14.03 -2.66 -42.86
C GLU F 172 -13.88 -3.34 -41.50
C GLU F 172 -13.87 -3.35 -41.51
N LYS F 173 -13.75 -2.55 -40.46
CA LYS F 173 -13.55 -3.05 -39.10
C LYS F 173 -14.65 -3.98 -38.60
N PHE F 174 -15.91 -3.60 -38.80
CA PHE F 174 -17.03 -4.36 -38.27
C PHE F 174 -17.78 -5.13 -39.37
N GLY F 175 -18.71 -4.46 -40.03
CA GLY F 175 -19.48 -5.08 -41.10
C GLY F 175 -19.54 -6.60 -40.97
C1 MRD G . 17.31 3.74 29.49
C2 MRD G . 15.88 3.63 29.89
O2 MRD G . 15.77 2.43 30.62
CM MRD G . 15.31 4.77 30.70
C3 MRD G . 15.13 3.62 28.62
C4 MRD G . 15.59 2.43 27.91
O4 MRD G . 15.15 2.78 26.61
C5 MRD G . 14.76 1.36 28.62
CA CA H . 11.06 -7.08 6.67
CA CA I . -49.81 16.48 -31.20
C1 MPD J . 43.17 -4.09 35.23
C2 MPD J . 44.30 -4.62 36.10
O2 MPD J . 44.80 -5.84 35.49
CM MPD J . 43.76 -4.97 37.47
C3 MPD J . 45.43 -3.60 36.21
C4 MPD J . 46.26 -3.48 34.93
O4 MPD J . 45.53 -2.88 33.90
C5 MPD J . 47.52 -2.65 35.18
CA CA K . 28.45 -24.06 37.97
CA CA L . -32.34 -0.23 0.42
C ACE M . 52.84 13.25 7.67
O ACE M . 52.81 12.15 7.12
CH3 ACE M . 53.35 13.45 9.06
CA CA N . 50.45 -13.22 6.60
CA CA O . -10.55 10.41 -31.09
C1 MRD P . -22.84 34.52 -28.80
C2 MRD P . -23.70 33.37 -28.30
O2 MRD P . -25.08 33.83 -28.23
CM MRD P . -23.26 32.94 -26.91
C3 MRD P . -23.70 32.22 -29.29
C4 MRD P . -22.66 31.14 -28.97
O4 MRD P . -21.42 31.73 -28.61
C5 MRD P . -22.46 30.27 -30.20
#